data_5B83
#
_entry.id   5B83
#
_cell.length_a   71.327
_cell.length_b   82.038
_cell.length_c   244.853
_cell.angle_alpha   90.00
_cell.angle_beta   90.00
_cell.angle_gamma   90.00
#
_symmetry.space_group_name_H-M   'P 21 21 21'
#
loop_
_entity.id
_entity.type
_entity.pdbx_description
1 polymer 'tetra ubiquitin'
2 polymer Optineurin
3 water water
#
loop_
_entity_poly.entity_id
_entity_poly.type
_entity_poly.pdbx_seq_one_letter_code
_entity_poly.pdbx_strand_id
1 'polypeptide(L)'
;MQIFVKTLTGKTITLEVEPSDTIENVKAKIQDKEGIPPDQQRLIFAGKQLEDGRTLSDYNIQKESTLHLVLRLRGGMQIF
VKTLTGKTITLEVEPSDTIENVKAKIQDKEGIPPDQQRLIFAGKQLEDGRTLSDYNIQKESTLHLVLRLRGGMQIFVKTL
TGKTITLEVEPSDTIENVKAKIQDKEGIPPDQQRLIFAGKQLEDGRTLSDYNIQKESTLHLVLRLRGGMQIFVKTLTGKT
ITLEVEPSDTIENVKAKIQDKEGIPPDQQRLIFAGKQLEDGRTLSDYNIQKESTLHLVLRLRGG
;
A,D
2 'polypeptide(L)'
;GPLGSHMEKVDRAVLKELSEKLELAEKALASKQLQMDEMKQTIAKQEEDLETMTILRAQMEVYCSDFHAERAAREKIHEE
KEQLALQLAVLLKENDAFEDGG
;
B,C,E,F
#
# COMPACT_ATOMS: atom_id res chain seq x y z
N MET A 1 16.49 22.26 -41.55
CA MET A 1 16.30 23.01 -42.79
C MET A 1 14.86 23.50 -42.88
N GLN A 2 14.17 23.16 -43.96
CA GLN A 2 12.81 23.66 -44.14
C GLN A 2 12.11 22.95 -45.29
N ILE A 3 11.13 22.12 -44.98
CA ILE A 3 10.43 21.37 -46.00
C ILE A 3 8.94 21.59 -45.84
N PHE A 4 8.22 21.44 -46.95
CA PHE A 4 6.80 21.74 -47.02
C PHE A 4 6.01 20.44 -47.08
N VAL A 5 4.77 20.51 -46.58
CA VAL A 5 3.88 19.36 -46.48
C VAL A 5 2.51 19.80 -46.98
N LYS A 6 2.09 19.26 -48.12
CA LYS A 6 0.84 19.65 -48.78
C LYS A 6 -0.11 18.45 -48.76
N THR A 7 -1.19 18.58 -48.00
CA THR A 7 -2.31 17.66 -48.12
C THR A 7 -3.05 17.92 -49.43
N LEU A 8 -3.97 17.02 -49.78
CA LEU A 8 -4.73 17.19 -51.01
C LEU A 8 -5.69 18.37 -50.96
N THR A 9 -6.04 18.83 -49.76
CA THR A 9 -6.83 20.05 -49.64
C THR A 9 -6.01 21.30 -49.96
N GLY A 10 -4.74 21.14 -50.36
CA GLY A 10 -3.88 22.24 -50.74
C GLY A 10 -3.16 22.92 -49.61
N LYS A 11 -3.46 22.57 -48.37
CA LYS A 11 -2.87 23.24 -47.21
C LYS A 11 -1.39 22.89 -47.08
N THR A 12 -0.54 23.91 -46.89
CA THR A 12 0.90 23.73 -46.76
C THR A 12 1.34 24.26 -45.40
N ILE A 13 1.79 23.36 -44.52
CA ILE A 13 2.38 23.71 -43.23
C ILE A 13 3.88 23.44 -43.33
N THR A 14 4.65 24.19 -42.54
CA THR A 14 6.11 24.19 -42.71
C THR A 14 6.80 24.30 -41.36
N LEU A 15 7.73 23.38 -41.10
CA LEU A 15 8.62 23.48 -39.96
C LEU A 15 10.03 23.06 -40.34
N GLU A 16 10.94 23.29 -39.41
CA GLU A 16 12.37 23.11 -39.62
C GLU A 16 12.82 21.76 -39.07
N VAL A 17 13.79 21.15 -39.74
CA VAL A 17 14.41 19.92 -39.25
C VAL A 17 15.67 19.63 -40.06
N GLU A 18 16.46 18.67 -39.59
CA GLU A 18 17.72 18.36 -40.24
C GLU A 18 17.64 17.02 -40.98
N PRO A 19 18.41 16.85 -42.06
CA PRO A 19 18.34 15.60 -42.85
C PRO A 19 18.64 14.32 -42.05
N SER A 20 19.34 14.42 -40.92
CA SER A 20 19.64 13.22 -40.15
C SER A 20 18.38 12.52 -39.64
N ASP A 21 17.32 13.30 -39.38
CA ASP A 21 16.09 12.75 -38.84
C ASP A 21 15.51 11.69 -39.80
N THR A 22 14.61 10.88 -39.27
CA THR A 22 13.93 9.83 -40.02
C THR A 22 12.46 10.19 -40.21
N ILE A 23 11.74 9.35 -40.96
CA ILE A 23 10.32 9.57 -41.20
C ILE A 23 9.53 9.58 -39.90
N GLU A 24 9.95 8.77 -38.93
CA GLU A 24 9.12 8.51 -37.76
C GLU A 24 8.98 9.74 -36.87
N ASN A 25 10.08 10.42 -36.56
CA ASN A 25 10.01 11.55 -35.65
C ASN A 25 9.58 12.85 -36.32
N VAL A 26 9.38 12.84 -37.64
CA VAL A 26 8.81 14.03 -38.27
C VAL A 26 7.32 14.12 -37.98
N LYS A 27 6.61 12.97 -38.06
CA LYS A 27 5.20 12.95 -37.72
C LYS A 27 4.95 13.57 -36.35
N ALA A 28 5.83 13.29 -35.40
CA ALA A 28 5.71 13.90 -34.08
C ALA A 28 5.90 15.41 -34.12
N LYS A 29 6.61 15.94 -35.13
CA LYS A 29 6.67 17.39 -35.30
C LYS A 29 5.42 17.92 -35.99
N ILE A 30 4.69 17.06 -36.70
CA ILE A 30 3.44 17.44 -37.31
C ILE A 30 2.30 17.50 -36.29
N GLN A 31 2.36 16.68 -35.24
CA GLN A 31 1.21 16.54 -34.36
C GLN A 31 0.98 17.77 -33.50
N ASP A 32 2.04 18.53 -33.18
CA ASP A 32 1.91 19.72 -32.33
C ASP A 32 2.07 21.03 -33.10
N LYS A 33 1.95 21.00 -34.42
CA LYS A 33 1.89 22.22 -35.21
C LYS A 33 0.49 22.54 -35.72
N GLU A 34 -0.31 21.52 -36.04
CA GLU A 34 -1.74 21.76 -36.23
C GLU A 34 -2.63 20.68 -35.65
N GLY A 35 -2.12 19.49 -35.31
CA GLY A 35 -2.85 18.61 -34.43
C GLY A 35 -3.37 17.32 -35.03
N ILE A 36 -2.47 16.46 -35.53
CA ILE A 36 -2.83 15.17 -36.06
C ILE A 36 -1.89 14.10 -35.50
N PRO A 37 -2.40 13.09 -34.79
CA PRO A 37 -1.53 12.05 -34.20
C PRO A 37 -0.66 11.37 -35.25
N PRO A 38 0.40 10.66 -34.85
CA PRO A 38 1.25 9.98 -35.83
C PRO A 38 0.71 8.66 -36.34
N ASP A 39 -0.27 8.04 -35.67
CA ASP A 39 -0.89 6.83 -36.21
C ASP A 39 -2.00 7.15 -37.23
N GLN A 40 -2.17 8.42 -37.59
CA GLN A 40 -3.05 8.81 -38.69
C GLN A 40 -2.28 9.45 -39.83
N GLN A 41 -0.95 9.44 -39.78
CA GLN A 41 -0.13 10.13 -40.77
C GLN A 41 0.62 9.14 -41.65
N ARG A 42 0.64 9.43 -42.95
CA ARG A 42 1.39 8.66 -43.93
C ARG A 42 1.98 9.65 -44.93
N LEU A 43 3.30 9.68 -45.03
CA LEU A 43 3.99 10.72 -45.79
C LEU A 43 4.51 10.19 -47.12
N ILE A 44 4.33 10.99 -48.15
CA ILE A 44 4.73 10.66 -49.50
C ILE A 44 5.49 11.85 -50.06
N PHE A 45 6.58 11.58 -50.74
CA PHE A 45 7.15 12.56 -51.65
C PHE A 45 7.71 11.81 -52.83
N ALA A 46 7.50 12.36 -54.03
CA ALA A 46 8.03 11.78 -55.26
C ALA A 46 7.69 10.29 -55.35
N GLY A 47 6.45 9.94 -55.02
CA GLY A 47 5.98 8.57 -55.13
C GLY A 47 6.76 7.55 -54.35
N LYS A 48 7.65 7.98 -53.47
CA LYS A 48 8.40 7.07 -52.61
C LYS A 48 7.71 7.04 -51.26
N GLN A 49 6.99 5.95 -51.00
CA GLN A 49 6.32 5.71 -49.72
C GLN A 49 7.30 5.90 -48.57
N LEU A 50 7.14 6.97 -47.80
CA LEU A 50 8.04 7.23 -46.69
C LEU A 50 7.63 6.33 -45.54
N GLU A 51 8.50 5.36 -45.19
CA GLU A 51 8.17 4.30 -44.25
C GLU A 51 8.93 4.53 -42.94
N ASP A 52 8.23 5.11 -41.97
CA ASP A 52 8.51 5.17 -40.54
C ASP A 52 9.93 4.97 -40.03
N GLY A 53 10.96 5.41 -40.77
CA GLY A 53 12.24 5.46 -40.10
C GLY A 53 13.52 5.04 -40.79
N ARG A 54 13.55 5.01 -42.11
CA ARG A 54 14.83 5.00 -42.80
C ARG A 54 15.19 6.46 -43.06
N THR A 55 16.47 6.79 -42.82
CA THR A 55 16.88 8.18 -42.66
C THR A 55 16.34 9.06 -43.78
N LEU A 56 16.04 10.31 -43.43
CA LEU A 56 15.51 11.25 -44.41
C LEU A 56 16.45 11.35 -45.61
N SER A 57 17.73 11.60 -45.37
CA SER A 57 18.81 11.65 -46.37
C SER A 57 19.06 10.30 -47.03
N ASP A 58 18.32 9.25 -46.68
CA ASP A 58 18.36 7.96 -47.38
C ASP A 58 17.42 7.96 -48.57
N TYR A 59 16.32 8.70 -48.48
CA TYR A 59 15.36 8.88 -49.55
C TYR A 59 15.73 9.99 -50.52
N ASN A 60 16.83 10.72 -50.25
CA ASN A 60 17.22 11.92 -50.97
C ASN A 60 16.16 13.01 -50.85
N ILE A 61 16.08 13.65 -49.69
CA ILE A 61 15.13 14.72 -49.43
C ILE A 61 15.92 15.94 -48.99
N GLN A 62 15.87 17.00 -49.77
CA GLN A 62 16.63 18.22 -49.51
C GLN A 62 15.68 19.33 -49.06
N LYS A 63 16.28 20.45 -48.64
CA LYS A 63 15.50 21.59 -48.19
C LYS A 63 14.65 22.16 -49.32
N GLU A 64 13.50 22.71 -48.95
CA GLU A 64 12.53 23.38 -49.83
C GLU A 64 11.67 22.40 -50.63
N SER A 65 12.12 21.15 -50.72
CA SER A 65 11.29 20.14 -51.36
C SER A 65 9.98 19.99 -50.57
N THR A 66 8.88 19.80 -51.30
CA THR A 66 7.56 19.68 -50.68
C THR A 66 7.17 18.21 -50.58
N LEU A 67 6.68 17.83 -49.40
CA LEU A 67 6.15 16.50 -49.11
C LEU A 67 4.63 16.49 -49.22
N HIS A 68 4.08 15.30 -49.41
CA HIS A 68 2.64 15.12 -49.51
C HIS A 68 2.15 14.33 -48.29
N LEU A 69 1.18 14.91 -47.57
CA LEU A 69 0.63 14.27 -46.39
C LEU A 69 -0.74 13.67 -46.70
N VAL A 70 -0.89 12.38 -46.40
CA VAL A 70 -2.16 11.69 -46.45
C VAL A 70 -2.62 11.43 -45.02
N LEU A 71 -3.93 11.46 -44.80
CA LEU A 71 -4.48 11.32 -43.46
C LEU A 71 -5.48 10.18 -43.40
N ARG A 72 -5.30 9.27 -42.44
CA ARG A 72 -6.35 8.30 -42.17
C ARG A 72 -7.58 9.02 -41.63
N LEU A 73 -8.74 8.43 -41.89
CA LEU A 73 -9.99 8.82 -41.23
C LEU A 73 -10.06 8.30 -39.80
N ARG A 74 -9.14 7.44 -39.42
CA ARG A 74 -9.30 6.59 -38.26
C ARG A 74 -7.92 6.40 -37.68
N GLY A 75 -7.81 6.43 -36.36
CA GLY A 75 -6.62 6.00 -35.69
C GLY A 75 -6.76 4.57 -35.23
N GLY A 76 -5.87 4.17 -34.33
CA GLY A 76 -5.90 2.81 -33.85
C GLY A 76 -6.87 2.54 -32.72
N MET A 77 -7.40 3.59 -32.06
CA MET A 77 -8.20 3.37 -30.86
C MET A 77 -9.37 4.34 -30.79
N GLN A 78 -10.57 3.79 -30.61
CA GLN A 78 -11.77 4.59 -30.40
C GLN A 78 -12.38 4.27 -29.04
N ILE A 79 -12.95 5.30 -28.41
CA ILE A 79 -13.74 5.13 -27.19
C ILE A 79 -15.05 5.85 -27.42
N PHE A 80 -16.02 5.56 -26.58
CA PHE A 80 -17.35 6.14 -26.72
C PHE A 80 -17.68 6.96 -25.48
N VAL A 81 -18.24 8.15 -25.69
CA VAL A 81 -18.71 8.97 -24.58
C VAL A 81 -20.22 9.06 -24.64
N LYS A 82 -20.86 8.59 -23.58
CA LYS A 82 -22.30 8.68 -23.41
C LYS A 82 -22.65 9.99 -22.68
N THR A 83 -23.49 10.82 -23.30
CA THR A 83 -24.05 12.07 -22.80
C THR A 83 -25.30 11.81 -21.95
N LEU A 84 -25.62 12.76 -21.06
CA LEU A 84 -26.87 12.65 -20.33
C LEU A 84 -28.14 12.77 -21.22
N THR A 85 -28.04 13.18 -22.48
CA THR A 85 -29.24 13.14 -23.32
C THR A 85 -29.53 11.76 -23.89
N GLY A 86 -28.59 10.80 -23.76
CA GLY A 86 -28.64 9.54 -24.48
C GLY A 86 -27.93 9.56 -25.81
N LYS A 87 -27.29 10.68 -26.15
CA LYS A 87 -26.43 10.75 -27.32
C LYS A 87 -25.06 10.17 -26.96
N THR A 88 -24.53 9.34 -27.85
CA THR A 88 -23.22 8.72 -27.69
C THR A 88 -22.33 9.18 -28.84
N ILE A 89 -21.16 9.69 -28.49
CA ILE A 89 -20.22 10.21 -29.48
C ILE A 89 -18.94 9.38 -29.40
N THR A 90 -18.19 9.43 -30.50
CA THR A 90 -17.08 8.54 -30.73
C THR A 90 -15.81 9.39 -30.85
N LEU A 91 -14.79 9.06 -30.05
CA LEU A 91 -13.55 9.81 -30.00
C LEU A 91 -12.37 8.98 -30.51
N GLU A 92 -11.44 9.67 -31.15
CA GLU A 92 -10.19 9.11 -31.61
C GLU A 92 -9.11 9.38 -30.56
N VAL A 93 -8.60 8.32 -29.94
CA VAL A 93 -7.67 8.48 -28.84
C VAL A 93 -6.48 7.54 -29.02
N GLU A 94 -5.46 7.83 -28.23
CA GLU A 94 -4.29 7.03 -27.95
C GLU A 94 -4.25 6.80 -26.45
N PRO A 95 -3.69 5.69 -25.99
CA PRO A 95 -3.62 5.47 -24.53
C PRO A 95 -2.81 6.53 -23.80
N SER A 96 -1.91 7.24 -24.50
CA SER A 96 -1.12 8.29 -23.87
C SER A 96 -1.95 9.56 -23.61
N ASP A 97 -3.17 9.63 -24.10
CA ASP A 97 -3.93 10.87 -24.00
C ASP A 97 -4.32 11.18 -22.56
N THR A 98 -4.25 12.45 -22.20
CA THR A 98 -4.69 12.88 -20.89
C THR A 98 -6.19 13.18 -20.91
N ILE A 99 -6.80 13.10 -19.73
CA ILE A 99 -8.21 13.40 -19.61
C ILE A 99 -8.50 14.82 -20.09
N GLU A 100 -7.53 15.73 -20.02
CA GLU A 100 -7.70 17.05 -20.60
C GLU A 100 -7.67 16.97 -22.13
N ASN A 101 -6.79 16.12 -22.69
CA ASN A 101 -6.83 15.88 -24.14
C ASN A 101 -8.20 15.37 -24.56
N VAL A 102 -8.69 14.34 -23.87
CA VAL A 102 -10.01 13.81 -24.15
C VAL A 102 -11.06 14.91 -24.04
N LYS A 103 -10.92 15.78 -23.04
CA LYS A 103 -11.89 16.88 -22.88
C LYS A 103 -11.84 17.85 -24.07
N ALA A 104 -10.65 18.14 -24.58
CA ALA A 104 -10.54 19.01 -25.76
C ALA A 104 -11.25 18.40 -26.96
N LYS A 105 -11.11 17.09 -27.19
CA LYS A 105 -11.80 16.46 -28.31
C LYS A 105 -13.32 16.50 -28.11
N ILE A 106 -13.78 16.36 -26.87
CA ILE A 106 -15.22 16.53 -26.63
C ILE A 106 -15.65 17.96 -26.94
N GLN A 107 -14.83 18.95 -26.59
CA GLN A 107 -15.18 20.31 -26.99
C GLN A 107 -15.24 20.43 -28.51
N ASP A 108 -14.28 19.81 -29.21
CA ASP A 108 -14.21 19.92 -30.68
C ASP A 108 -15.47 19.36 -31.33
N LYS A 109 -15.99 18.24 -30.81
CA LYS A 109 -17.15 17.63 -31.43
C LYS A 109 -18.42 18.35 -31.06
N GLU A 110 -18.51 18.86 -29.82
CA GLU A 110 -19.81 19.22 -29.27
C GLU A 110 -19.89 20.59 -28.65
N GLY A 111 -18.78 21.33 -28.59
CA GLY A 111 -18.81 22.70 -28.15
C GLY A 111 -18.77 22.90 -26.65
N ILE A 112 -18.94 21.83 -25.87
CA ILE A 112 -18.91 21.88 -24.41
C ILE A 112 -17.53 22.30 -23.94
N PRO A 113 -17.38 23.37 -23.17
CA PRO A 113 -16.06 23.79 -22.75
C PRO A 113 -15.47 22.81 -21.73
N PRO A 114 -14.16 22.57 -21.79
CA PRO A 114 -13.57 21.55 -20.90
C PRO A 114 -13.79 21.81 -19.42
N ASP A 115 -13.68 23.07 -18.95
CA ASP A 115 -13.86 23.28 -17.52
C ASP A 115 -15.29 23.01 -17.08
N GLN A 116 -16.22 22.83 -18.01
CA GLN A 116 -17.57 22.44 -17.66
C GLN A 116 -17.78 20.93 -17.75
N GLN A 117 -16.73 20.17 -18.09
CA GLN A 117 -16.83 18.73 -18.37
C GLN A 117 -16.41 17.90 -17.18
N ARG A 118 -17.22 16.89 -16.84
CA ARG A 118 -16.86 15.84 -15.88
C ARG A 118 -17.01 14.48 -16.53
N LEU A 119 -15.96 13.68 -16.43
CA LEU A 119 -15.92 12.37 -17.08
C LEU A 119 -15.82 11.26 -16.05
N ILE A 120 -16.64 10.23 -16.25
CA ILE A 120 -16.76 9.13 -15.32
C ILE A 120 -16.50 7.82 -16.03
N PHE A 121 -15.66 6.99 -15.46
CA PHE A 121 -15.41 5.65 -15.98
C PHE A 121 -15.52 4.64 -14.85
N ALA A 122 -16.49 3.73 -14.96
CA ALA A 122 -16.62 2.67 -13.97
C ALA A 122 -16.84 3.27 -12.59
N GLY A 123 -17.85 4.15 -12.49
CA GLY A 123 -18.21 4.81 -11.25
C GLY A 123 -17.18 5.75 -10.67
N LYS A 124 -16.04 5.93 -11.32
CA LYS A 124 -14.91 6.70 -10.81
C LYS A 124 -14.68 7.90 -11.71
N GLN A 125 -14.66 9.09 -11.12
CA GLN A 125 -14.35 10.30 -11.87
C GLN A 125 -12.84 10.41 -12.13
N LEU A 126 -12.49 10.86 -13.32
CA LEU A 126 -11.13 10.80 -13.81
C LEU A 126 -10.57 12.20 -13.77
N GLU A 127 -9.29 12.27 -13.44
CA GLU A 127 -8.66 13.52 -13.08
C GLU A 127 -7.81 14.04 -14.23
N ASP A 128 -7.70 15.37 -14.30
CA ASP A 128 -7.23 16.00 -15.52
C ASP A 128 -5.85 15.50 -15.95
N GLY A 129 -4.95 15.30 -15.00
CA GLY A 129 -3.60 15.06 -15.42
C GLY A 129 -3.21 13.62 -15.76
N ARG A 130 -4.05 12.63 -15.48
CA ARG A 130 -3.73 11.23 -15.77
C ARG A 130 -4.15 10.81 -17.19
N THR A 131 -3.59 9.69 -17.65
CA THR A 131 -3.82 9.21 -19.01
C THR A 131 -4.93 8.17 -19.06
N LEU A 132 -5.36 7.85 -20.29
CA LEU A 132 -6.29 6.74 -20.49
C LEU A 132 -5.68 5.41 -20.08
N SER A 133 -4.36 5.24 -20.27
CA SER A 133 -3.78 3.96 -19.87
C SER A 133 -3.75 3.83 -18.34
N ASP A 134 -3.69 4.96 -17.62
CA ASP A 134 -3.68 4.91 -16.16
C ASP A 134 -4.98 4.34 -15.59
N TYR A 135 -6.10 4.57 -16.25
CA TYR A 135 -7.37 4.08 -15.75
C TYR A 135 -7.80 2.74 -16.37
N ASN A 136 -6.93 2.12 -17.18
CA ASN A 136 -7.24 0.87 -17.89
C ASN A 136 -8.38 1.05 -18.89
N ILE A 137 -8.41 2.22 -19.53
CA ILE A 137 -9.40 2.52 -20.56
C ILE A 137 -8.85 2.02 -21.89
N GLN A 138 -9.51 1.02 -22.43
CA GLN A 138 -9.04 0.23 -23.56
C GLN A 138 -9.91 0.54 -24.76
N LYS A 139 -9.54 -0.01 -25.91
CA LYS A 139 -10.35 0.13 -27.11
C LYS A 139 -11.82 -0.11 -26.79
N GLU A 140 -12.67 0.81 -27.25
CA GLU A 140 -14.12 0.63 -27.29
C GLU A 140 -14.76 0.71 -25.92
N SER A 141 -14.11 1.32 -24.94
CA SER A 141 -14.71 1.56 -23.64
C SER A 141 -15.69 2.74 -23.71
N THR A 142 -16.62 2.78 -22.77
CA THR A 142 -17.59 3.86 -22.70
C THR A 142 -17.32 4.69 -21.46
N LEU A 143 -17.00 5.95 -21.63
CA LEU A 143 -17.02 6.94 -20.56
C LEU A 143 -18.40 7.59 -20.47
N HIS A 144 -18.72 8.14 -19.30
CA HIS A 144 -19.94 8.93 -19.16
C HIS A 144 -19.60 10.38 -18.90
N LEU A 145 -20.36 11.29 -19.53
CA LEU A 145 -20.11 12.72 -19.42
C LEU A 145 -21.19 13.39 -18.57
N VAL A 146 -20.76 14.15 -17.58
CA VAL A 146 -21.67 14.92 -16.75
C VAL A 146 -21.20 16.37 -16.76
N LEU A 147 -22.12 17.29 -17.00
CA LEU A 147 -21.77 18.71 -16.96
C LEU A 147 -21.79 19.26 -15.55
N ARG A 148 -20.82 20.11 -15.23
CA ARG A 148 -20.89 20.90 -14.01
C ARG A 148 -22.02 21.91 -14.09
N LEU A 149 -22.70 22.11 -12.99
CA LEU A 149 -23.85 22.99 -12.91
C LEU A 149 -23.57 24.08 -11.88
N ARG A 150 -24.36 25.15 -11.93
CA ARG A 150 -24.39 26.13 -10.87
C ARG A 150 -23.00 26.64 -10.52
N GLY A 151 -22.25 27.08 -11.51
CA GLY A 151 -20.90 27.56 -11.29
C GLY A 151 -19.89 26.51 -10.94
N GLY A 152 -20.27 25.23 -10.92
CA GLY A 152 -19.42 24.13 -10.53
C GLY A 152 -18.00 24.16 -11.08
N MET A 153 -17.07 23.70 -10.24
CA MET A 153 -15.64 23.79 -10.48
C MET A 153 -14.94 22.63 -9.81
N GLN A 154 -13.68 22.43 -10.18
CA GLN A 154 -12.76 21.63 -9.38
C GLN A 154 -11.84 22.57 -8.65
N ILE A 155 -11.47 22.19 -7.41
CA ILE A 155 -10.48 22.90 -6.61
C ILE A 155 -9.50 21.87 -6.05
N PHE A 156 -8.39 22.36 -5.51
CA PHE A 156 -7.32 21.50 -4.97
C PHE A 156 -7.07 21.76 -3.50
N VAL A 157 -6.81 20.69 -2.76
CA VAL A 157 -6.42 20.80 -1.36
C VAL A 157 -5.05 20.18 -1.18
N LYS A 158 -4.17 20.91 -0.50
CA LYS A 158 -2.76 20.57 -0.30
C LYS A 158 -2.46 20.56 1.19
N THR A 159 -1.86 19.46 1.67
CA THR A 159 -1.36 19.36 3.03
C THR A 159 0.12 19.72 3.07
N LEU A 160 0.68 19.78 4.27
CA LEU A 160 2.14 19.90 4.36
C LEU A 160 2.83 18.59 4.02
N THR A 161 2.13 17.45 4.16
CA THR A 161 2.71 16.18 3.81
C THR A 161 2.77 15.96 2.29
N GLY A 162 2.66 17.04 1.50
CA GLY A 162 2.82 16.96 0.06
C GLY A 162 1.56 16.62 -0.74
N LYS A 163 0.64 15.89 -0.11
CA LYS A 163 -0.53 15.37 -0.81
C LYS A 163 -1.36 16.49 -1.42
N THR A 164 -1.70 16.35 -2.69
CA THR A 164 -2.56 17.30 -3.40
C THR A 164 -3.79 16.55 -3.91
N ILE A 165 -4.97 16.89 -3.40
CA ILE A 165 -6.17 16.17 -3.79
C ILE A 165 -7.11 17.13 -4.52
N THR A 166 -7.96 16.54 -5.36
CA THR A 166 -8.87 17.29 -6.20
C THR A 166 -10.28 17.02 -5.73
N LEU A 167 -11.10 18.07 -5.75
CA LEU A 167 -12.44 18.06 -5.21
C LEU A 167 -13.42 18.58 -6.24
N GLU A 168 -14.62 18.01 -6.31
CA GLU A 168 -15.68 18.46 -7.20
C GLU A 168 -16.65 19.32 -6.39
N VAL A 169 -16.70 20.64 -6.65
CA VAL A 169 -17.45 21.55 -5.79
C VAL A 169 -18.29 22.53 -6.61
N GLU A 170 -19.16 23.26 -5.91
CA GLU A 170 -20.01 24.33 -6.37
C GLU A 170 -19.84 25.55 -5.47
N PRO A 171 -20.01 26.76 -6.01
CA PRO A 171 -19.83 27.97 -5.17
C PRO A 171 -20.76 28.03 -3.95
N SER A 172 -21.99 27.50 -4.05
CA SER A 172 -22.88 27.44 -2.89
C SER A 172 -22.37 26.53 -1.77
N ASP A 173 -21.33 25.73 -2.01
CA ASP A 173 -20.91 24.78 -1.00
C ASP A 173 -20.27 25.49 0.18
N THR A 174 -20.58 25.01 1.38
CA THR A 174 -19.99 25.58 2.58
C THR A 174 -18.65 24.91 2.89
N ILE A 175 -17.86 25.61 3.71
CA ILE A 175 -16.62 25.05 4.24
C ILE A 175 -16.86 23.70 4.88
N GLU A 176 -17.99 23.53 5.58
CA GLU A 176 -18.30 22.22 6.16
C GLU A 176 -18.49 21.18 5.08
N ASN A 177 -19.15 21.55 3.98
CA ASN A 177 -19.33 20.60 2.90
C ASN A 177 -18.00 20.20 2.30
N VAL A 178 -17.12 21.17 2.08
CA VAL A 178 -15.81 20.90 1.55
C VAL A 178 -15.07 19.92 2.45
N LYS A 179 -15.09 20.15 3.77
CA LYS A 179 -14.44 19.23 4.69
C LYS A 179 -15.04 17.83 4.62
N ALA A 180 -16.36 17.74 4.47
CA ALA A 180 -17.03 16.45 4.35
C ALA A 180 -16.58 15.72 3.10
N LYS A 181 -16.45 16.43 1.99
CA LYS A 181 -15.87 15.86 0.78
C LYS A 181 -14.41 15.46 1.01
N ILE A 182 -13.70 16.21 1.84
CA ILE A 182 -12.35 15.80 2.18
C ILE A 182 -12.39 14.55 3.04
N GLN A 183 -13.37 14.46 3.93
CA GLN A 183 -13.51 13.22 4.69
C GLN A 183 -13.82 12.07 3.76
N ASP A 184 -14.78 12.27 2.84
CA ASP A 184 -15.18 11.18 1.94
C ASP A 184 -14.00 10.68 1.14
N LYS A 185 -13.07 11.55 0.79
CA LYS A 185 -11.91 11.10 0.03
C LYS A 185 -10.81 10.53 0.92
N GLU A 186 -10.55 11.13 2.10
CA GLU A 186 -9.31 10.88 2.84
C GLU A 186 -9.44 10.27 4.23
N GLY A 187 -10.65 10.09 4.76
CA GLY A 187 -10.84 9.51 6.07
C GLY A 187 -10.74 10.50 7.22
N ILE A 188 -10.13 11.66 6.99
CA ILE A 188 -9.92 12.70 7.99
C ILE A 188 -11.24 13.32 8.45
N PRO A 189 -11.60 13.24 9.73
CA PRO A 189 -12.89 13.82 10.17
C PRO A 189 -12.83 15.34 10.09
N PRO A 190 -13.95 15.99 9.75
CA PRO A 190 -13.93 17.46 9.59
C PRO A 190 -13.54 18.23 10.86
N ASP A 191 -13.86 17.73 12.07
CA ASP A 191 -13.43 18.53 13.22
C ASP A 191 -11.92 18.52 13.43
N GLN A 192 -11.18 17.77 12.62
CA GLN A 192 -9.74 17.80 12.64
C GLN A 192 -9.15 18.59 11.48
N GLN A 193 -10.00 19.15 10.61
CA GLN A 193 -9.52 19.94 9.47
C GLN A 193 -9.68 21.43 9.75
N ARG A 194 -8.66 22.20 9.35
CA ARG A 194 -8.77 23.64 9.11
C ARG A 194 -8.28 23.94 7.70
N LEU A 195 -8.91 24.89 7.04
CA LEU A 195 -8.63 25.23 5.65
C LEU A 195 -8.16 26.67 5.54
N ILE A 196 -7.14 26.90 4.71
CA ILE A 196 -6.60 28.24 4.48
C ILE A 196 -6.61 28.55 2.98
N PHE A 197 -7.08 29.73 2.63
CA PHE A 197 -7.00 30.26 1.29
C PHE A 197 -6.52 31.69 1.39
N ALA A 198 -5.74 32.13 0.39
CA ALA A 198 -4.93 33.32 0.55
C ALA A 198 -4.21 33.17 1.89
N GLY A 199 -4.57 34.03 2.84
CA GLY A 199 -4.14 33.78 4.20
C GLY A 199 -5.25 33.91 5.22
N LYS A 200 -6.48 33.57 4.84
CA LYS A 200 -7.61 33.59 5.74
C LYS A 200 -7.87 32.17 6.25
N GLN A 201 -8.18 32.06 7.54
CA GLN A 201 -8.76 30.83 8.03
C GLN A 201 -10.21 30.78 7.53
N LEU A 202 -10.61 29.65 6.97
CA LEU A 202 -11.93 29.54 6.39
C LEU A 202 -12.92 29.10 7.48
N GLU A 203 -13.95 29.92 7.71
CA GLU A 203 -14.92 29.69 8.77
C GLU A 203 -16.00 28.72 8.29
N ASP A 204 -16.27 27.68 9.07
CA ASP A 204 -17.50 26.90 8.87
C ASP A 204 -18.68 27.86 8.80
N GLY A 205 -19.62 27.57 7.91
CA GLY A 205 -20.79 28.38 7.73
C GLY A 205 -20.72 29.30 6.53
N ARG A 206 -19.54 29.78 6.21
CA ARG A 206 -19.37 30.55 4.98
C ARG A 206 -19.23 29.61 3.77
N THR A 207 -19.42 30.16 2.58
CA THR A 207 -19.39 29.36 1.38
C THR A 207 -18.16 29.70 0.55
N LEU A 208 -17.94 28.92 -0.50
CA LEU A 208 -16.80 29.19 -1.38
C LEU A 208 -16.90 30.56 -2.03
N SER A 209 -18.13 30.94 -2.44
CA SER A 209 -18.34 32.28 -2.97
C SER A 209 -17.91 33.33 -1.97
N ASP A 210 -18.33 33.18 -0.72
CA ASP A 210 -17.97 34.17 0.29
C ASP A 210 -16.47 34.46 0.29
N TYR A 211 -15.66 33.43 0.28
CA TYR A 211 -14.23 33.65 0.19
C TYR A 211 -13.75 33.91 -1.24
N ASN A 212 -14.66 34.07 -2.21
CA ASN A 212 -14.27 34.40 -3.59
C ASN A 212 -13.33 33.34 -4.18
N ILE A 213 -13.73 32.07 -4.06
CA ILE A 213 -12.88 30.95 -4.44
C ILE A 213 -13.32 30.46 -5.80
N GLN A 214 -12.48 30.68 -6.82
CA GLN A 214 -12.85 30.42 -8.21
C GLN A 214 -12.25 29.11 -8.72
N LYS A 215 -12.35 28.85 -10.03
CA LYS A 215 -11.97 27.56 -10.58
C LYS A 215 -10.49 27.27 -10.34
N GLU A 216 -10.16 26.00 -10.12
CA GLU A 216 -8.79 25.51 -9.97
C GLU A 216 -8.02 26.25 -8.86
N SER A 217 -8.74 26.89 -7.94
CA SER A 217 -8.12 27.49 -6.77
C SER A 217 -7.47 26.42 -5.89
N THR A 218 -6.51 26.85 -5.07
CA THR A 218 -5.83 25.92 -4.17
C THR A 218 -6.05 26.35 -2.73
N LEU A 219 -6.63 25.45 -1.95
CA LEU A 219 -6.75 25.60 -0.52
C LEU A 219 -5.66 24.78 0.14
N HIS A 220 -5.24 25.21 1.33
CA HIS A 220 -4.28 24.47 2.12
C HIS A 220 -4.96 23.85 3.32
N LEU A 221 -4.57 22.62 3.62
CA LEU A 221 -5.14 21.85 4.70
C LEU A 221 -4.12 21.66 5.81
N VAL A 222 -4.57 21.87 7.03
CA VAL A 222 -3.77 21.76 8.23
C VAL A 222 -4.56 20.86 9.15
N LEU A 223 -3.88 19.95 9.84
CA LEU A 223 -4.57 18.92 10.60
C LEU A 223 -4.41 19.18 12.09
N ARG A 224 -5.47 18.96 12.85
CA ARG A 224 -5.46 19.19 14.29
C ARG A 224 -4.94 17.99 15.04
N LEU A 225 -4.38 18.24 16.22
CA LEU A 225 -3.94 17.12 17.05
C LEU A 225 -5.10 16.42 17.71
N ARG A 226 -6.31 16.99 17.66
CA ARG A 226 -7.45 16.43 18.36
C ARG A 226 -8.69 17.01 17.71
N GLY A 227 -9.75 16.20 17.64
CA GLY A 227 -11.07 16.71 17.32
C GLY A 227 -11.81 17.25 18.55
N GLY A 228 -13.14 17.20 18.46
CA GLY A 228 -14.00 17.62 19.54
C GLY A 228 -14.44 16.58 20.57
N MET A 229 -14.45 15.31 20.18
CA MET A 229 -14.90 14.22 21.04
C MET A 229 -13.77 13.22 21.24
N GLN A 230 -13.38 13.01 22.50
CA GLN A 230 -12.54 11.89 22.86
C GLN A 230 -13.30 10.96 23.78
N ILE A 231 -13.01 9.67 23.70
CA ILE A 231 -13.44 8.70 24.69
C ILE A 231 -12.19 8.07 25.25
N PHE A 232 -12.33 7.51 26.44
CA PHE A 232 -11.28 6.77 27.12
C PHE A 232 -11.54 5.27 26.98
N VAL A 233 -10.48 4.53 26.75
CA VAL A 233 -10.52 3.06 26.77
C VAL A 233 -9.60 2.55 27.88
N LYS A 234 -10.00 1.47 28.53
CA LYS A 234 -9.12 0.76 29.46
C LYS A 234 -8.50 -0.45 28.76
N THR A 235 -7.16 -0.46 28.73
CA THR A 235 -6.23 -1.44 28.17
C THR A 235 -6.30 -2.80 28.91
N LEU A 236 -5.67 -3.82 28.31
CA LEU A 236 -5.55 -5.13 28.96
C LEU A 236 -4.73 -5.03 30.24
N THR A 237 -3.59 -4.34 30.18
CA THR A 237 -2.87 -3.93 31.36
C THR A 237 -3.77 -3.25 32.39
N GLY A 238 -4.47 -2.20 31.97
CA GLY A 238 -5.30 -1.42 32.86
C GLY A 238 -4.92 0.04 32.82
N LYS A 239 -4.28 0.48 31.74
CA LYS A 239 -3.99 1.89 31.54
C LYS A 239 -5.13 2.55 30.79
N THR A 240 -5.30 3.84 31.01
CA THR A 240 -6.19 4.63 30.19
C THR A 240 -5.46 5.07 28.92
N ILE A 241 -6.15 4.91 27.78
CA ILE A 241 -5.72 5.54 26.54
C ILE A 241 -6.88 6.38 26.04
N THR A 242 -6.58 7.34 25.17
CA THR A 242 -7.58 8.26 24.64
C THR A 242 -7.75 8.07 23.14
N LEU A 243 -8.99 8.13 22.68
CA LEU A 243 -9.32 7.95 21.27
C LEU A 243 -10.03 9.16 20.72
N GLU A 244 -9.56 9.65 19.58
CA GLU A 244 -10.31 10.62 18.79
C GLU A 244 -11.42 9.90 18.04
N VAL A 245 -12.67 10.25 18.34
CA VAL A 245 -13.81 9.55 17.78
C VAL A 245 -14.87 10.58 17.42
N GLU A 246 -15.84 10.14 16.64
CA GLU A 246 -17.05 10.86 16.33
C GLU A 246 -18.22 9.97 16.66
N PRO A 247 -19.40 10.55 16.90
CA PRO A 247 -20.57 9.72 17.24
C PRO A 247 -20.99 8.77 16.12
N SER A 248 -20.67 9.09 14.87
CA SER A 248 -20.97 8.21 13.73
C SER A 248 -19.90 7.15 13.49
N ASP A 249 -18.81 7.18 14.26
CA ASP A 249 -17.84 6.09 14.21
C ASP A 249 -18.55 4.78 14.49
N THR A 250 -18.23 3.76 13.71
CA THR A 250 -18.74 2.44 13.98
C THR A 250 -17.84 1.72 14.98
N ILE A 251 -18.33 0.59 15.46
CA ILE A 251 -17.53 -0.16 16.44
C ILE A 251 -16.32 -0.80 15.78
N GLU A 252 -16.41 -1.21 14.51
CA GLU A 252 -15.19 -1.61 13.81
C GLU A 252 -14.24 -0.43 13.67
N ASN A 253 -14.78 0.76 13.38
CA ASN A 253 -13.96 1.96 13.38
C ASN A 253 -13.22 2.13 14.72
N VAL A 254 -13.91 1.89 15.83
CA VAL A 254 -13.26 2.11 17.12
C VAL A 254 -12.20 1.06 17.37
N LYS A 255 -12.49 -0.20 17.01
CA LYS A 255 -11.53 -1.27 17.22
C LYS A 255 -10.23 -1.04 16.43
N ALA A 256 -10.33 -0.52 15.21
CA ALA A 256 -9.13 -0.22 14.44
C ALA A 256 -8.26 0.81 15.14
N LYS A 257 -8.86 1.86 15.68
CA LYS A 257 -8.10 2.88 16.40
C LYS A 257 -7.43 2.30 17.64
N ILE A 258 -8.05 1.32 18.27
CA ILE A 258 -7.38 0.58 19.32
C ILE A 258 -6.22 -0.24 18.77
N GLN A 259 -6.37 -0.84 17.59
CA GLN A 259 -5.24 -1.62 17.08
C GLN A 259 -4.03 -0.72 16.86
N ASP A 260 -4.25 0.53 16.47
CA ASP A 260 -3.17 1.47 16.19
C ASP A 260 -2.35 1.77 17.44
N LYS A 261 -2.93 1.57 18.60
CA LYS A 261 -2.37 2.00 19.86
C LYS A 261 -1.93 0.83 20.73
N GLU A 262 -2.78 -0.17 20.85
CA GLU A 262 -2.50 -1.37 21.63
C GLU A 262 -2.12 -2.58 20.78
N GLY A 263 -2.20 -2.46 19.46
CA GLY A 263 -1.84 -3.53 18.54
C GLY A 263 -2.58 -4.83 18.69
N ILE A 264 -3.80 -4.78 19.18
CA ILE A 264 -4.64 -5.97 19.38
C ILE A 264 -5.56 -6.10 18.17
N PRO A 265 -5.58 -7.25 17.49
CA PRO A 265 -6.40 -7.38 16.26
C PRO A 265 -7.87 -7.17 16.55
N PRO A 266 -8.58 -6.48 15.68
CA PRO A 266 -10.02 -6.23 15.92
C PRO A 266 -10.87 -7.50 16.11
N ASP A 267 -10.63 -8.55 15.31
CA ASP A 267 -11.37 -9.80 15.55
C ASP A 267 -11.05 -10.41 16.92
N GLN A 268 -10.19 -9.79 17.74
CA GLN A 268 -9.89 -10.32 19.07
C GLN A 268 -10.37 -9.42 20.18
N GLN A 269 -10.95 -8.27 19.86
CA GLN A 269 -11.33 -7.25 20.83
C GLN A 269 -12.78 -7.41 21.26
N ARG A 270 -13.06 -7.24 22.54
CA ARG A 270 -14.44 -7.16 22.98
C ARG A 270 -14.55 -5.90 23.82
N LEU A 271 -15.50 -5.04 23.46
CA LEU A 271 -15.66 -3.73 24.06
C LEU A 271 -16.94 -3.69 24.89
N ILE A 272 -16.80 -3.34 26.17
CA ILE A 272 -17.92 -3.22 27.10
C ILE A 272 -18.11 -1.75 27.48
N PHE A 273 -19.36 -1.33 27.52
CA PHE A 273 -19.73 0.01 27.95
C PHE A 273 -20.88 -0.12 28.92
N ALA A 274 -20.61 0.14 30.20
CA ALA A 274 -21.59 0.02 31.28
C ALA A 274 -22.37 -1.29 31.20
N GLY A 275 -21.64 -2.40 31.19
CA GLY A 275 -22.24 -3.72 31.18
C GLY A 275 -22.48 -4.34 29.81
N LYS A 276 -22.78 -3.53 28.80
CA LYS A 276 -23.24 -4.02 27.50
C LYS A 276 -22.06 -4.25 26.55
N GLN A 277 -22.21 -5.23 25.65
CA GLN A 277 -21.18 -5.50 24.65
C GLN A 277 -21.44 -4.70 23.39
N LEU A 278 -20.42 -4.01 22.91
CA LEU A 278 -20.53 -3.22 21.69
C LEU A 278 -20.46 -4.10 20.43
N GLU A 279 -21.52 -4.09 19.61
CA GLU A 279 -21.60 -4.93 18.42
C GLU A 279 -21.03 -4.21 17.19
N ASP A 280 -20.52 -5.01 16.25
CA ASP A 280 -19.65 -4.47 15.22
C ASP A 280 -20.39 -3.50 14.30
N GLY A 281 -21.60 -3.87 13.86
CA GLY A 281 -22.28 -3.02 12.90
C GLY A 281 -22.74 -1.67 13.38
N ARG A 282 -22.44 -1.34 14.63
CA ARG A 282 -23.09 -0.26 15.37
C ARG A 282 -22.19 0.96 15.51
N THR A 283 -22.80 2.09 15.82
CA THR A 283 -22.05 3.31 16.04
C THR A 283 -21.94 3.65 17.53
N LEU A 284 -21.01 4.56 17.83
CA LEU A 284 -20.96 5.17 19.16
C LEU A 284 -22.30 5.76 19.53
N SER A 285 -22.88 6.53 18.62
CA SER A 285 -24.12 7.23 18.92
C SER A 285 -25.23 6.26 19.31
N ASP A 286 -25.37 5.14 18.59
CA ASP A 286 -26.44 4.20 18.88
C ASP A 286 -26.40 3.69 20.31
N TYR A 287 -25.25 3.79 20.99
CA TYR A 287 -25.13 3.23 22.33
C TYR A 287 -25.27 4.26 23.43
N ASN A 288 -25.53 5.53 23.08
CA ASN A 288 -25.52 6.64 24.04
C ASN A 288 -24.15 6.80 24.69
N ILE A 289 -23.16 7.06 23.84
CA ILE A 289 -21.78 7.15 24.30
C ILE A 289 -21.32 8.59 24.11
N GLN A 290 -20.93 9.22 25.21
CA GLN A 290 -20.66 10.65 25.25
C GLN A 290 -19.17 10.93 25.18
N LYS A 291 -18.82 12.19 25.03
CA LYS A 291 -17.45 12.62 25.30
C LYS A 291 -17.03 12.09 26.66
N GLU A 292 -15.77 11.66 26.74
CA GLU A 292 -15.15 11.24 27.98
C GLU A 292 -15.83 10.02 28.59
N SER A 293 -16.64 9.29 27.82
CA SER A 293 -17.11 7.99 28.29
C SER A 293 -15.96 6.97 28.31
N THR A 294 -16.07 5.99 29.19
CA THR A 294 -15.04 4.97 29.39
C THR A 294 -15.53 3.63 28.87
N LEU A 295 -14.71 2.98 28.06
CA LEU A 295 -15.00 1.64 27.59
C LEU A 295 -13.97 0.69 28.16
N HIS A 296 -14.34 -0.58 28.24
CA HIS A 296 -13.44 -1.64 28.70
C HIS A 296 -13.14 -2.64 27.59
N LEU A 297 -11.89 -3.03 27.51
CA LEU A 297 -11.37 -3.93 26.48
C LEU A 297 -10.99 -5.27 27.06
N VAL A 298 -11.48 -6.34 26.45
CA VAL A 298 -11.30 -7.72 26.91
C VAL A 298 -11.06 -8.58 25.68
N LEU A 299 -10.28 -9.65 25.86
CA LEU A 299 -9.98 -10.48 24.71
C LEU A 299 -11.05 -11.54 24.46
N ARG A 300 -11.12 -11.99 23.21
CA ARG A 300 -12.06 -13.02 22.79
C ARG A 300 -11.49 -14.43 22.72
N LEU A 301 -10.17 -14.60 22.74
CA LEU A 301 -9.53 -15.93 22.83
C LEU A 301 -9.90 -16.84 21.66
N ARG A 302 -9.82 -16.32 20.45
CA ARG A 302 -10.18 -17.06 19.25
C ARG A 302 -8.99 -17.75 18.59
N GLN B 35 23.38 36.51 -20.00
CA GLN B 35 22.19 37.22 -19.53
C GLN B 35 21.04 36.24 -19.15
N MET B 36 21.40 35.22 -18.36
CA MET B 36 20.47 34.19 -17.91
C MET B 36 19.75 34.61 -16.64
N ASP B 37 18.46 34.33 -16.59
CA ASP B 37 17.65 34.71 -15.42
C ASP B 37 16.95 33.49 -14.82
N GLU B 38 17.72 32.49 -14.39
CA GLU B 38 17.18 31.48 -13.51
C GLU B 38 16.83 32.06 -12.14
N MET B 39 17.16 33.33 -11.91
CA MET B 39 16.60 34.10 -10.81
C MET B 39 15.08 33.93 -10.75
N LYS B 40 14.43 33.94 -11.92
CA LYS B 40 13.01 33.66 -11.99
C LYS B 40 12.69 32.32 -11.35
N GLN B 41 13.46 31.30 -11.70
CA GLN B 41 13.26 29.97 -11.14
C GLN B 41 13.53 29.96 -9.64
N THR B 42 14.55 30.70 -9.19
CA THR B 42 14.83 30.70 -7.77
C THR B 42 13.92 31.65 -6.99
N ILE B 43 13.43 32.73 -7.60
CA ILE B 43 12.34 33.49 -6.98
C ILE B 43 11.11 32.61 -6.84
N ALA B 44 10.72 31.94 -7.92
CA ALA B 44 9.54 31.07 -7.89
C ALA B 44 9.70 29.96 -6.87
N LYS B 45 10.93 29.49 -6.64
CA LYS B 45 11.20 28.51 -5.59
C LYS B 45 11.09 29.13 -4.20
N GLN B 46 11.30 30.44 -4.09
CA GLN B 46 11.09 31.13 -2.83
C GLN B 46 9.61 31.40 -2.58
N GLU B 47 8.85 31.75 -3.63
CA GLU B 47 7.45 32.07 -3.45
C GLU B 47 6.69 30.90 -2.85
N GLU B 48 6.95 29.69 -3.35
CA GLU B 48 6.41 28.49 -2.73
C GLU B 48 6.83 28.40 -1.27
N ASP B 49 8.13 28.46 -1.04
CA ASP B 49 8.66 28.35 0.32
C ASP B 49 8.02 29.39 1.24
N LEU B 50 7.81 30.60 0.74
CA LEU B 50 7.15 31.63 1.55
C LEU B 50 5.73 31.22 1.94
N GLU B 51 4.91 30.83 0.98
CA GLU B 51 3.54 30.47 1.33
C GLU B 51 3.53 29.24 2.24
N THR B 52 4.48 28.32 2.03
CA THR B 52 4.62 27.19 2.95
C THR B 52 4.79 27.65 4.40
N MET B 53 5.60 28.69 4.60
CA MET B 53 5.82 29.23 5.94
C MET B 53 4.51 29.67 6.59
N THR B 54 3.72 30.47 5.86
CA THR B 54 2.44 30.89 6.41
C THR B 54 1.57 29.69 6.74
N ILE B 55 1.66 28.62 5.94
CA ILE B 55 0.95 27.39 6.26
C ILE B 55 1.52 26.78 7.54
N LEU B 56 2.85 26.73 7.63
CA LEU B 56 3.51 26.28 8.86
C LEU B 56 3.04 27.08 10.05
N ARG B 57 3.05 28.40 9.92
CA ARG B 57 2.54 29.30 10.95
C ARG B 57 1.13 28.91 11.35
N ALA B 58 0.25 28.77 10.36
CA ALA B 58 -1.13 28.46 10.68
C ALA B 58 -1.24 27.11 11.36
N GLN B 59 -0.40 26.15 10.92
CA GLN B 59 -0.32 24.84 11.55
C GLN B 59 0.19 24.93 12.98
N MET B 60 1.07 25.89 13.24
CA MET B 60 1.50 26.17 14.60
C MET B 60 0.37 26.74 15.45
N GLU B 61 -0.38 27.70 14.91
CA GLU B 61 -1.50 28.23 15.69
C GLU B 61 -2.47 27.14 16.07
N VAL B 62 -2.72 26.21 15.16
CA VAL B 62 -3.68 25.14 15.41
C VAL B 62 -3.15 24.21 16.51
N TYR B 63 -1.87 23.88 16.46
CA TYR B 63 -1.30 23.13 17.57
C TYR B 63 -1.40 23.91 18.87
N CYS B 64 -1.41 25.24 18.81
CA CYS B 64 -1.52 26.00 20.04
C CYS B 64 -2.93 25.94 20.61
N SER B 65 -3.94 26.23 19.80
CA SER B 65 -5.31 26.13 20.33
C SER B 65 -5.66 24.72 20.80
N ASP B 66 -5.05 23.68 20.21
CA ASP B 66 -5.36 22.32 20.64
C ASP B 66 -4.87 22.09 22.06
N PHE B 67 -3.64 22.50 22.35
CA PHE B 67 -3.12 22.42 23.70
C PHE B 67 -4.09 23.04 24.69
N HIS B 68 -4.58 24.23 24.40
CA HIS B 68 -5.49 24.88 25.33
C HIS B 68 -6.74 24.06 25.55
N ALA B 69 -7.38 23.60 24.48
CA ALA B 69 -8.48 22.68 24.64
C ALA B 69 -8.09 21.47 25.47
N GLU B 70 -6.85 21.00 25.32
CA GLU B 70 -6.45 19.84 26.10
C GLU B 70 -6.26 20.23 27.56
N ARG B 71 -5.68 21.40 27.82
CA ARG B 71 -5.56 21.80 29.20
C ARG B 71 -6.94 21.98 29.83
N ALA B 72 -7.87 22.60 29.12
CA ALA B 72 -9.20 22.76 29.67
C ALA B 72 -9.82 21.40 29.98
N ALA B 73 -9.54 20.40 29.13
CA ALA B 73 -10.00 19.04 29.37
C ALA B 73 -9.32 18.42 30.60
N ARG B 74 -8.00 18.52 30.67
CA ARG B 74 -7.31 18.10 31.89
C ARG B 74 -7.86 18.80 33.14
N GLU B 75 -8.08 20.12 33.06
CA GLU B 75 -8.61 20.88 34.19
C GLU B 75 -9.99 20.38 34.60
N LYS B 76 -10.87 20.11 33.63
CA LYS B 76 -12.20 19.62 33.93
C LYS B 76 -12.15 18.24 34.59
N ILE B 77 -11.30 17.32 34.11
CA ILE B 77 -11.29 16.01 34.76
C ILE B 77 -10.61 16.08 36.13
N HIS B 78 -9.62 16.96 36.32
CA HIS B 78 -9.09 17.15 37.66
C HIS B 78 -10.18 17.60 38.64
N GLU B 79 -11.06 18.51 38.19
CA GLU B 79 -12.18 18.96 39.01
C GLU B 79 -13.09 17.80 39.37
N GLU B 80 -13.43 16.97 38.38
CA GLU B 80 -14.13 15.72 38.67
C GLU B 80 -13.39 14.84 39.67
N LYS B 81 -12.06 14.73 39.56
CA LYS B 81 -11.33 13.92 40.53
C LYS B 81 -11.47 14.52 41.93
N GLU B 82 -11.47 15.85 42.01
CA GLU B 82 -11.56 16.51 43.30
C GLU B 82 -12.92 16.30 43.95
N GLN B 83 -13.97 16.01 43.17
CA GLN B 83 -15.29 15.81 43.75
C GLN B 83 -15.40 14.41 44.38
N LEU B 84 -14.79 13.39 43.78
CA LEU B 84 -14.70 12.10 44.45
C LEU B 84 -13.87 12.20 45.73
N ALA B 85 -12.75 12.92 45.66
CA ALA B 85 -11.87 13.00 46.80
C ALA B 85 -12.60 13.61 47.98
N LEU B 86 -13.37 14.65 47.71
CA LEU B 86 -14.24 15.27 48.70
C LEU B 86 -15.15 14.23 49.32
N GLN B 87 -15.94 13.56 48.48
CA GLN B 87 -16.87 12.56 48.98
C GLN B 87 -16.16 11.51 49.83
N LEU B 88 -14.88 11.23 49.54
CA LEU B 88 -14.13 10.32 50.39
C LEU B 88 -13.82 10.96 51.74
N ALA B 89 -13.19 12.14 51.70
CA ALA B 89 -12.87 12.90 52.90
C ALA B 89 -14.06 13.03 53.86
N VAL B 90 -15.26 13.24 53.31
CA VAL B 90 -16.49 13.52 54.07
C VAL B 90 -17.19 12.26 54.55
N LEU B 91 -16.62 11.09 54.34
CA LEU B 91 -17.37 9.85 54.60
C LEU B 91 -17.74 9.61 56.05
N LEU B 92 -17.32 10.52 56.95
CA LEU B 92 -17.61 10.45 58.37
C LEU B 92 -17.94 11.84 58.91
N LYS B 93 -18.82 11.88 59.91
CA LYS B 93 -19.35 13.18 60.39
C LYS B 93 -20.37 13.10 61.52
N ASP C 37 20.22 44.89 -14.51
CA ASP C 37 19.73 43.66 -13.89
C ASP C 37 19.61 43.78 -12.37
N GLU C 38 18.39 43.92 -11.87
CA GLU C 38 18.14 44.04 -10.43
C GLU C 38 17.25 42.91 -9.93
N MET C 39 17.49 41.70 -10.44
CA MET C 39 16.86 40.52 -9.85
C MET C 39 17.25 40.37 -8.40
N LYS C 40 18.53 40.62 -8.09
CA LYS C 40 19.11 40.45 -6.77
C LYS C 40 18.40 41.27 -5.72
N GLN C 41 17.54 42.21 -6.16
CA GLN C 41 16.68 42.96 -5.27
C GLN C 41 15.89 42.06 -4.32
N THR C 42 15.50 40.87 -4.78
CA THR C 42 14.62 39.99 -4.02
C THR C 42 15.30 38.70 -3.56
N ILE C 43 15.96 37.96 -4.47
CA ILE C 43 16.55 36.66 -4.17
C ILE C 43 17.29 36.66 -2.84
N ALA C 44 17.89 37.80 -2.47
CA ALA C 44 18.60 37.89 -1.19
C ALA C 44 17.64 38.16 -0.03
N LYS C 45 16.66 39.04 -0.22
CA LYS C 45 15.70 39.33 0.84
C LYS C 45 14.83 38.11 1.14
N GLN C 46 14.63 37.25 0.14
CA GLN C 46 13.89 36.01 0.31
C GLN C 46 14.50 35.14 1.40
N GLU C 47 15.83 35.04 1.44
CA GLU C 47 16.47 34.12 2.37
C GLU C 47 16.34 34.59 3.82
N GLU C 48 16.24 35.91 4.04
CA GLU C 48 16.13 36.44 5.39
C GLU C 48 14.74 36.23 5.97
N ASP C 49 13.69 36.40 5.17
CA ASP C 49 12.36 36.07 5.64
C ASP C 49 12.21 34.57 5.86
N LEU C 50 12.81 33.76 4.98
CA LEU C 50 12.75 32.32 5.12
C LEU C 50 13.60 31.77 6.27
N GLU C 51 14.47 32.59 6.87
CA GLU C 51 15.14 32.17 8.11
C GLU C 51 14.12 31.79 9.17
N THR C 52 13.07 32.62 9.31
CA THR C 52 11.98 32.40 10.27
C THR C 52 11.39 31.00 10.17
N MET C 53 11.58 30.31 9.05
CA MET C 53 10.87 29.06 8.85
C MET C 53 11.23 28.03 9.90
N THR C 54 12.53 27.83 10.13
CA THR C 54 12.92 26.77 11.05
C THR C 54 12.57 27.10 12.50
N ILE C 55 12.42 28.39 12.83
CA ILE C 55 11.92 28.77 14.16
C ILE C 55 10.47 28.33 14.32
N LEU C 56 9.69 28.37 13.24
CA LEU C 56 8.32 27.87 13.32
C LEU C 56 8.33 26.36 13.49
N ARG C 57 9.15 25.67 12.69
CA ARG C 57 9.19 24.22 12.76
C ARG C 57 9.58 23.76 14.15
N ALA C 58 10.59 24.39 14.74
CA ALA C 58 10.97 24.08 16.12
C ALA C 58 9.83 24.41 17.09
N GLN C 59 9.15 25.53 16.88
CA GLN C 59 8.04 25.84 17.77
C GLN C 59 6.88 24.88 17.56
N MET C 60 6.67 24.43 16.33
CA MET C 60 5.66 23.39 16.09
C MET C 60 5.96 22.15 16.91
N GLU C 61 7.20 21.64 16.82
CA GLU C 61 7.58 20.45 17.57
C GLU C 61 7.29 20.62 19.06
N VAL C 62 7.57 21.79 19.62
CA VAL C 62 7.39 21.99 21.05
C VAL C 62 5.92 22.00 21.42
N TYR C 63 5.11 22.80 20.70
CA TYR C 63 3.67 22.76 20.96
C TYR C 63 3.13 21.35 20.83
N CYS C 64 3.70 20.56 19.94
CA CYS C 64 3.25 19.20 19.78
C CYS C 64 3.46 18.41 21.06
N SER C 65 4.70 18.33 21.54
CA SER C 65 4.96 17.53 22.72
C SER C 65 4.31 18.13 23.97
N ASP C 66 4.10 19.45 23.98
CA ASP C 66 3.31 20.05 25.06
C ASP C 66 1.90 19.49 25.08
N PHE C 67 1.29 19.38 23.91
CA PHE C 67 -0.03 18.77 23.80
C PHE C 67 -0.04 17.32 24.30
N HIS C 68 0.97 16.53 23.93
CA HIS C 68 1.01 15.17 24.41
C HIS C 68 1.21 15.06 25.90
N ALA C 69 1.93 16.03 26.49
CA ALA C 69 2.10 16.05 27.93
C ALA C 69 0.76 16.30 28.61
N GLU C 70 -0.04 17.24 28.09
CA GLU C 70 -1.33 17.48 28.72
C GLU C 70 -2.22 16.25 28.62
N ARG C 71 -2.31 15.64 27.44
CA ARG C 71 -3.18 14.48 27.31
C ARG C 71 -2.71 13.33 28.19
N ALA C 72 -1.40 13.13 28.31
CA ALA C 72 -0.86 12.19 29.28
C ALA C 72 -1.36 12.50 30.69
N ALA C 73 -1.19 13.74 31.14
CA ALA C 73 -1.69 14.14 32.44
C ALA C 73 -3.18 13.83 32.59
N ARG C 74 -3.99 14.15 31.58
CA ARG C 74 -5.42 13.86 31.67
C ARG C 74 -5.64 12.36 31.84
N GLU C 75 -4.94 11.53 31.06
CA GLU C 75 -5.06 10.09 31.21
C GLU C 75 -4.74 9.65 32.64
N LYS C 76 -3.61 10.13 33.19
CA LYS C 76 -3.26 9.80 34.57
C LYS C 76 -4.40 10.12 35.53
N ILE C 77 -4.96 11.34 35.42
CA ILE C 77 -6.06 11.77 36.28
C ILE C 77 -7.24 10.82 36.13
N HIS C 78 -7.57 10.48 34.89
CA HIS C 78 -8.59 9.48 34.67
C HIS C 78 -8.32 8.19 35.45
N GLU C 79 -7.06 7.80 35.56
CA GLU C 79 -6.82 6.60 36.34
C GLU C 79 -7.00 6.87 37.82
N GLU C 80 -6.44 7.97 38.32
CA GLU C 80 -6.65 8.33 39.71
C GLU C 80 -8.14 8.40 40.07
N LYS C 81 -8.98 8.88 39.14
CA LYS C 81 -10.43 8.86 39.39
C LYS C 81 -10.93 7.43 39.62
N GLU C 82 -10.46 6.47 38.82
CA GLU C 82 -10.88 5.08 39.02
C GLU C 82 -10.43 4.51 40.36
N GLN C 83 -9.23 4.87 40.83
CA GLN C 83 -8.80 4.37 42.13
C GLN C 83 -9.68 4.94 43.24
N LEU C 84 -9.96 6.25 43.18
CA LEU C 84 -10.84 6.88 44.17
C LEU C 84 -12.22 6.25 44.15
N ALA C 85 -12.72 5.95 42.96
CA ALA C 85 -14.08 5.44 42.88
C ALA C 85 -14.12 3.99 43.35
N LEU C 86 -13.06 3.22 43.08
CA LEU C 86 -12.91 1.91 43.70
C LEU C 86 -12.84 2.02 45.22
N GLN C 87 -12.03 2.95 45.74
CA GLN C 87 -11.98 3.19 47.17
C GLN C 87 -13.37 3.40 47.75
N LEU C 88 -14.20 4.19 47.06
CA LEU C 88 -15.53 4.47 47.57
C LEU C 88 -16.41 3.23 47.53
N ALA C 89 -16.40 2.49 46.42
CA ALA C 89 -17.20 1.26 46.35
C ALA C 89 -16.79 0.29 47.44
N VAL C 90 -15.51 0.21 47.75
CA VAL C 90 -15.15 -0.79 48.74
C VAL C 90 -15.59 -0.34 50.13
N LEU C 91 -15.39 0.93 50.46
CA LEU C 91 -15.77 1.39 51.79
C LEU C 91 -17.27 1.21 52.02
N LEU C 92 -18.08 1.57 51.02
CA LEU C 92 -19.52 1.44 51.16
C LEU C 92 -19.95 -0.01 51.22
N LYS C 93 -19.37 -0.86 50.37
CA LYS C 93 -19.82 -2.24 50.33
C LYS C 93 -19.54 -2.95 51.66
N GLU C 94 -18.37 -2.70 52.24
CA GLU C 94 -17.94 -3.37 53.46
C GLU C 94 -18.49 -2.73 54.71
N ASN C 95 -19.04 -1.52 54.59
CA ASN C 95 -19.84 -0.95 55.65
C ASN C 95 -21.19 -1.64 55.81
N ASP C 96 -21.56 -2.55 54.88
CA ASP C 96 -22.89 -3.16 54.80
C ASP C 96 -22.72 -4.67 54.61
N ALA C 97 -22.17 -5.34 55.61
CA ALA C 97 -22.07 -6.79 55.58
C ALA C 97 -22.25 -7.40 56.98
N MET D 1 40.47 9.38 19.63
CA MET D 1 41.04 8.96 20.91
C MET D 1 40.27 7.78 21.52
N GLN D 2 41.00 6.88 22.17
CA GLN D 2 40.39 5.76 22.86
C GLN D 2 40.12 6.12 24.32
N ILE D 3 39.19 5.39 24.93
CA ILE D 3 38.90 5.51 26.36
C ILE D 3 38.56 4.14 26.91
N PHE D 4 38.32 4.07 28.22
CA PHE D 4 38.19 2.81 28.91
C PHE D 4 37.02 2.87 29.89
N VAL D 5 36.19 1.83 29.88
CA VAL D 5 35.04 1.73 30.77
C VAL D 5 35.13 0.38 31.47
N LYS D 6 35.15 0.39 32.80
CA LYS D 6 35.18 -0.86 33.53
C LYS D 6 34.07 -0.88 34.58
N THR D 7 33.44 -2.04 34.73
CA THR D 7 32.55 -2.28 35.84
C THR D 7 33.34 -2.92 36.97
N LEU D 8 32.73 -2.98 38.16
CA LEU D 8 33.42 -3.55 39.31
C LEU D 8 33.61 -5.04 39.15
N THR D 9 32.74 -5.69 38.37
CA THR D 9 32.83 -7.12 38.11
C THR D 9 34.25 -7.52 37.68
N GLY D 10 34.75 -6.88 36.62
CA GLY D 10 36.12 -7.08 36.21
C GLY D 10 36.34 -7.19 34.72
N LYS D 11 35.52 -6.51 33.93
CA LYS D 11 35.72 -6.47 32.48
C LYS D 11 35.95 -5.03 32.05
N THR D 12 36.78 -4.87 31.02
CA THR D 12 37.19 -3.56 30.53
C THR D 12 36.82 -3.42 29.05
N ILE D 13 36.50 -2.19 28.65
CA ILE D 13 35.85 -1.90 27.38
C ILE D 13 36.47 -0.63 26.78
N THR D 14 36.78 -0.67 25.49
CA THR D 14 37.46 0.43 24.82
C THR D 14 36.53 1.04 23.78
N LEU D 15 36.45 2.37 23.76
CA LEU D 15 35.52 3.10 22.91
C LEU D 15 36.29 4.18 22.15
N GLU D 16 36.02 4.31 20.85
CA GLU D 16 36.55 5.43 20.07
C GLU D 16 35.63 6.62 20.26
N VAL D 17 36.18 7.69 20.85
CA VAL D 17 35.41 8.87 21.23
C VAL D 17 36.26 10.09 20.89
N GLU D 18 35.65 11.26 20.98
CA GLU D 18 36.36 12.52 21.04
C GLU D 18 35.56 13.44 21.94
N PRO D 19 36.22 14.44 22.58
CA PRO D 19 35.55 15.21 23.65
C PRO D 19 34.21 15.84 23.29
N SER D 20 33.85 15.84 22.00
CA SER D 20 32.58 16.42 21.58
C SER D 20 31.41 15.45 21.63
N ASP D 21 31.67 14.15 21.83
CA ASP D 21 30.58 13.20 21.99
C ASP D 21 29.90 13.44 23.34
N THR D 22 28.58 13.62 23.30
CA THR D 22 27.83 13.81 24.55
C THR D 22 27.75 12.50 25.34
N ILE D 23 27.22 12.59 26.54
CA ILE D 23 27.27 11.44 27.44
C ILE D 23 26.35 10.33 26.95
N GLU D 24 25.11 10.68 26.60
CA GLU D 24 24.21 9.66 26.10
C GLU D 24 24.74 9.02 24.81
N ASN D 25 25.56 9.76 24.04
CA ASN D 25 26.21 9.17 22.88
C ASN D 25 27.21 8.09 23.30
N VAL D 26 27.91 8.29 24.43
CA VAL D 26 28.77 7.24 24.95
C VAL D 26 27.95 6.03 25.38
N LYS D 27 26.82 6.26 26.06
CA LYS D 27 25.96 5.15 26.44
C LYS D 27 25.45 4.42 25.21
N ALA D 28 25.09 5.16 24.16
CA ALA D 28 24.76 4.54 22.88
C ALA D 28 25.89 3.65 22.39
N LYS D 29 27.12 4.18 22.39
CA LYS D 29 28.26 3.38 21.97
C LYS D 29 28.47 2.17 22.88
N ILE D 30 28.25 2.35 24.19
CA ILE D 30 28.24 1.20 25.10
C ILE D 30 27.27 0.15 24.60
N GLN D 31 26.01 0.54 24.41
CA GLN D 31 24.99 -0.38 23.87
C GLN D 31 25.43 -0.99 22.55
N ASP D 32 25.89 -0.15 21.62
CA ASP D 32 26.34 -0.67 20.33
C ASP D 32 27.47 -1.67 20.48
N LYS D 33 28.41 -1.39 21.38
CA LYS D 33 29.54 -2.30 21.54
C LYS D 33 29.14 -3.54 22.34
N GLU D 34 28.46 -3.33 23.47
CA GLU D 34 28.23 -4.42 24.42
C GLU D 34 26.81 -4.95 24.45
N GLY D 35 25.83 -4.18 24.01
CA GLY D 35 24.44 -4.60 24.06
C GLY D 35 23.67 -4.15 25.28
N ILE D 36 24.28 -3.36 26.15
CA ILE D 36 23.63 -2.89 27.36
C ILE D 36 22.79 -1.65 27.05
N PRO D 37 21.49 -1.66 27.32
CA PRO D 37 20.67 -0.49 27.04
C PRO D 37 21.08 0.69 27.90
N PRO D 38 21.00 1.92 27.37
CA PRO D 38 21.47 3.09 28.14
C PRO D 38 20.66 3.36 29.40
N ASP D 39 19.36 3.07 29.42
CA ASP D 39 18.58 3.28 30.63
C ASP D 39 18.96 2.29 31.74
N GLN D 40 19.87 1.35 31.48
CA GLN D 40 20.45 0.51 32.51
C GLN D 40 21.86 0.93 32.90
N GLN D 41 22.44 1.93 32.23
CA GLN D 41 23.82 2.34 32.48
C GLN D 41 23.87 3.59 33.35
N ARG D 42 24.89 3.65 34.21
CA ARG D 42 25.28 4.91 34.81
C ARG D 42 26.80 4.94 34.90
N LEU D 43 27.41 6.02 34.38
CA LEU D 43 28.85 6.14 34.27
C LEU D 43 29.41 7.07 35.34
N ILE D 44 30.61 6.74 35.83
CA ILE D 44 31.27 7.52 36.88
C ILE D 44 32.67 7.87 36.43
N PHE D 45 33.12 9.08 36.75
CA PHE D 45 34.50 9.49 36.56
C PHE D 45 34.93 10.33 37.74
N ALA D 46 36.02 9.90 38.39
CA ALA D 46 36.55 10.60 39.57
C ALA D 46 35.45 10.82 40.60
N GLY D 47 34.64 9.78 40.81
CA GLY D 47 33.57 9.84 41.78
C GLY D 47 32.59 10.99 41.58
N LYS D 48 32.06 11.12 40.37
CA LYS D 48 31.00 12.08 40.07
C LYS D 48 30.17 11.48 38.93
N GLN D 49 28.88 11.31 39.15
CA GLN D 49 28.04 10.67 38.13
C GLN D 49 27.80 11.62 36.97
N LEU D 50 27.83 11.06 35.76
CA LEU D 50 27.81 11.85 34.53
C LEU D 50 26.38 11.98 34.02
N GLU D 51 25.94 13.21 33.79
CA GLU D 51 24.59 13.50 33.34
C GLU D 51 24.43 13.25 31.85
N ASP D 52 23.25 12.76 31.45
CA ASP D 52 23.00 12.40 30.06
C ASP D 52 23.11 13.57 29.10
N GLY D 53 23.31 14.79 29.58
CA GLY D 53 23.30 15.94 28.68
C GLY D 53 24.66 16.54 28.38
N ARG D 54 25.49 16.72 29.41
CA ARG D 54 26.77 17.38 29.23
C ARG D 54 27.64 16.64 28.21
N THR D 55 28.63 17.34 27.70
CA THR D 55 29.59 16.75 26.78
C THR D 55 30.70 16.05 27.56
N LEU D 56 31.56 15.35 26.83
CA LEU D 56 32.68 14.66 27.46
C LEU D 56 33.77 15.61 27.91
N SER D 57 33.77 16.87 27.46
CA SER D 57 34.84 17.82 27.73
C SER D 57 34.55 18.76 28.89
N ASP D 58 33.33 18.73 29.43
CA ASP D 58 33.06 19.48 30.66
C ASP D 58 33.71 18.81 31.85
N TYR D 59 33.65 17.49 31.89
CA TYR D 59 34.54 16.69 32.72
C TYR D 59 35.83 16.49 31.96
N ASN D 60 36.95 16.79 32.58
CA ASN D 60 38.20 16.66 31.86
C ASN D 60 38.48 15.18 31.59
N ILE D 61 38.08 14.70 30.42
CA ILE D 61 38.28 13.31 30.03
C ILE D 61 39.40 13.32 28.99
N GLN D 62 40.63 13.17 29.48
CA GLN D 62 41.80 12.96 28.63
C GLN D 62 41.61 11.69 27.79
N LYS D 63 42.48 11.50 26.81
CA LYS D 63 42.59 10.21 26.15
C LYS D 63 42.93 9.15 27.17
N GLU D 64 42.37 7.96 26.99
CA GLU D 64 42.63 6.80 27.86
C GLU D 64 42.23 7.04 29.31
N SER D 65 41.32 7.97 29.56
CA SER D 65 40.71 8.06 30.88
C SER D 65 39.86 6.82 31.12
N THR D 66 39.91 6.30 32.34
CA THR D 66 39.06 5.19 32.73
C THR D 66 37.79 5.71 33.38
N LEU D 67 36.66 5.15 32.97
CA LEU D 67 35.37 5.46 33.56
C LEU D 67 34.76 4.16 34.07
N HIS D 68 33.96 4.28 35.12
CA HIS D 68 33.34 3.13 35.77
C HIS D 68 31.86 3.08 35.42
N LEU D 69 31.40 1.90 35.00
CA LEU D 69 30.04 1.71 34.54
C LEU D 69 29.25 0.95 35.60
N VAL D 70 28.15 1.56 36.04
CA VAL D 70 27.28 0.99 37.05
C VAL D 70 25.98 0.61 36.38
N LEU D 71 25.56 -0.65 36.57
CA LEU D 71 24.47 -1.26 35.82
C LEU D 71 23.25 -1.45 36.71
N ARG D 72 22.08 -1.11 36.16
CA ARG D 72 20.85 -1.28 36.91
C ARG D 72 20.31 -2.70 36.82
N LEU D 73 19.55 -3.07 37.83
CA LEU D 73 18.82 -4.32 37.84
C LEU D 73 17.61 -4.28 36.94
N ARG D 74 17.25 -3.12 36.44
CA ARG D 74 16.08 -3.00 35.58
C ARG D 74 16.19 -1.70 34.83
N GLY D 75 15.57 -1.67 33.66
CA GLY D 75 15.32 -0.48 32.91
C GLY D 75 13.91 -0.01 33.08
N GLY D 76 13.40 0.70 32.07
CA GLY D 76 12.07 1.27 32.13
C GLY D 76 10.92 0.44 31.59
N MET D 77 11.16 -0.49 30.67
CA MET D 77 10.08 -1.25 30.07
C MET D 77 10.22 -2.73 30.41
N GLN D 78 9.20 -3.30 31.04
CA GLN D 78 9.09 -4.73 31.27
C GLN D 78 7.89 -5.26 30.52
N ILE D 79 8.04 -6.44 29.93
CA ILE D 79 6.91 -7.23 29.46
C ILE D 79 6.99 -8.60 30.14
N PHE D 80 5.93 -9.36 29.94
CA PHE D 80 5.66 -10.58 30.66
C PHE D 80 5.43 -11.68 29.64
N VAL D 81 6.03 -12.83 29.86
CA VAL D 81 5.85 -13.95 28.98
C VAL D 81 5.30 -15.09 29.80
N LYS D 82 4.08 -15.51 29.49
CA LYS D 82 3.48 -16.67 30.11
C LYS D 82 3.69 -17.89 29.21
N THR D 83 3.86 -19.06 29.84
CA THR D 83 3.99 -20.35 29.19
C THR D 83 2.74 -21.19 29.45
N LEU D 84 2.62 -22.27 28.67
CA LEU D 84 1.61 -23.29 28.92
C LEU D 84 2.03 -24.25 30.02
N THR D 85 3.25 -24.12 30.53
CA THR D 85 3.75 -24.84 31.70
C THR D 85 3.36 -24.16 33.01
N GLY D 86 2.67 -23.02 32.94
CA GLY D 86 2.28 -22.28 34.12
C GLY D 86 3.23 -21.15 34.54
N LYS D 87 4.35 -20.98 33.86
CA LYS D 87 5.39 -20.10 34.36
C LYS D 87 5.26 -18.70 33.78
N THR D 88 5.58 -17.70 34.60
CA THR D 88 5.58 -16.31 34.19
C THR D 88 7.02 -15.79 34.28
N ILE D 89 7.38 -14.91 33.34
CA ILE D 89 8.75 -14.46 33.13
C ILE D 89 8.73 -12.96 32.91
N THR D 90 9.55 -12.20 33.66
CA THR D 90 9.71 -10.77 33.40
C THR D 90 10.97 -10.52 32.56
N LEU D 91 10.83 -9.67 31.54
CA LEU D 91 11.93 -9.29 30.66
C LEU D 91 12.09 -7.76 30.58
N GLU D 92 13.33 -7.32 30.58
CA GLU D 92 13.62 -5.94 30.30
C GLU D 92 13.67 -5.75 28.79
N VAL D 93 12.96 -4.73 28.29
CA VAL D 93 12.82 -4.49 26.85
C VAL D 93 12.82 -3.01 26.55
N GLU D 94 13.03 -2.71 25.28
CA GLU D 94 12.90 -1.39 24.69
C GLU D 94 11.97 -1.50 23.49
N PRO D 95 11.22 -0.46 23.20
CA PRO D 95 10.28 -0.53 22.08
C PRO D 95 10.91 -1.01 20.77
N SER D 96 12.22 -0.87 20.64
CA SER D 96 12.90 -1.25 19.40
C SER D 96 13.60 -2.61 19.50
N ASP D 97 13.26 -3.42 20.49
CA ASP D 97 13.76 -4.76 20.52
C ASP D 97 13.05 -5.57 19.44
N THR D 98 13.82 -6.30 18.62
CA THR D 98 13.19 -7.21 17.71
C THR D 98 12.62 -8.38 18.49
N ILE D 99 11.59 -9.00 17.93
CA ILE D 99 11.11 -10.28 18.45
C ILE D 99 12.26 -11.29 18.59
N GLU D 100 13.23 -11.23 17.70
CA GLU D 100 14.38 -12.12 17.82
C GLU D 100 15.20 -11.77 19.07
N ASN D 101 15.48 -10.49 19.30
CA ASN D 101 16.12 -10.11 20.55
C ASN D 101 15.29 -10.54 21.75
N VAL D 102 13.96 -10.46 21.65
CA VAL D 102 13.16 -10.90 22.78
C VAL D 102 13.37 -12.38 23.02
N LYS D 103 13.34 -13.16 21.94
CA LYS D 103 13.53 -14.61 22.08
C LYS D 103 14.89 -14.91 22.71
N ALA D 104 15.89 -14.12 22.36
CA ALA D 104 17.22 -14.33 22.92
C ALA D 104 17.25 -14.03 24.43
N LYS D 105 16.50 -13.02 24.87
CA LYS D 105 16.46 -12.73 26.29
C LYS D 105 15.73 -13.83 27.04
N ILE D 106 14.76 -14.48 26.39
CA ILE D 106 14.09 -15.61 27.02
C ILE D 106 15.05 -16.80 27.14
N GLN D 107 16.00 -16.93 26.19
CA GLN D 107 17.04 -17.95 26.29
C GLN D 107 17.96 -17.68 27.47
N ASP D 108 18.21 -16.40 27.76
CA ASP D 108 19.13 -16.02 28.83
C ASP D 108 18.58 -16.38 30.21
N LYS D 109 17.25 -16.34 30.39
CA LYS D 109 16.69 -16.69 31.69
C LYS D 109 16.37 -18.17 31.81
N GLU D 110 15.82 -18.77 30.75
CA GLU D 110 15.20 -20.09 30.84
C GLU D 110 15.91 -21.18 30.08
N GLY D 111 17.00 -20.88 29.37
CA GLY D 111 17.76 -21.92 28.70
C GLY D 111 17.14 -22.45 27.42
N ILE D 112 15.98 -21.94 27.02
CA ILE D 112 15.30 -22.40 25.82
C ILE D 112 15.90 -21.70 24.59
N PRO D 113 16.34 -22.46 23.60
CA PRO D 113 16.82 -21.83 22.36
C PRO D 113 15.68 -21.13 21.64
N PRO D 114 15.98 -20.05 20.92
CA PRO D 114 14.93 -19.35 20.15
C PRO D 114 14.25 -20.20 19.09
N ASP D 115 14.96 -21.12 18.42
CA ASP D 115 14.31 -21.97 17.42
C ASP D 115 13.13 -22.75 18.01
N GLN D 116 13.09 -22.95 19.33
CA GLN D 116 12.04 -23.69 19.99
C GLN D 116 10.93 -22.80 20.55
N GLN D 117 10.96 -21.50 20.27
CA GLN D 117 10.02 -20.54 20.83
C GLN D 117 9.08 -20.05 19.73
N ARG D 118 7.77 -20.06 19.99
CA ARG D 118 6.83 -19.21 19.28
C ARG D 118 6.28 -18.16 20.24
N LEU D 119 6.28 -16.89 19.85
CA LEU D 119 5.69 -15.84 20.69
C LEU D 119 4.39 -15.31 20.09
N ILE D 120 3.39 -15.18 20.93
CA ILE D 120 2.07 -14.77 20.46
C ILE D 120 1.59 -13.57 21.26
N PHE D 121 0.97 -12.63 20.55
CA PHE D 121 0.33 -11.50 21.20
C PHE D 121 -1.09 -11.39 20.66
N ALA D 122 -2.07 -11.52 21.54
CA ALA D 122 -3.49 -11.46 21.19
C ALA D 122 -3.81 -12.28 19.95
N GLY D 123 -3.32 -13.51 19.91
CA GLY D 123 -3.61 -14.41 18.80
C GLY D 123 -2.79 -14.23 17.55
N LYS D 124 -1.73 -13.41 17.58
CA LYS D 124 -0.98 -13.02 16.39
C LYS D 124 0.48 -13.41 16.62
N GLN D 125 0.97 -14.41 15.88
CA GLN D 125 2.31 -14.97 16.10
C GLN D 125 3.38 -14.04 15.54
N LEU D 126 4.31 -13.66 16.40
CA LEU D 126 5.22 -12.55 16.12
C LEU D 126 6.40 -13.02 15.28
N GLU D 127 6.78 -12.18 14.31
CA GLU D 127 7.85 -12.46 13.34
C GLU D 127 9.18 -11.96 13.87
N ASP D 128 10.24 -12.73 13.60
CA ASP D 128 11.53 -12.45 14.22
C ASP D 128 12.07 -11.06 13.88
N GLY D 129 11.94 -10.63 12.63
CA GLY D 129 12.57 -9.39 12.15
C GLY D 129 11.92 -8.07 12.55
N ARG D 130 10.70 -8.12 13.08
CA ARG D 130 9.97 -6.94 13.51
C ARG D 130 10.22 -6.64 14.99
N THR D 131 9.91 -5.39 15.39
CA THR D 131 10.17 -4.94 16.75
C THR D 131 8.91 -4.86 17.58
N LEU D 132 9.10 -4.77 18.91
CA LEU D 132 7.96 -4.57 19.80
C LEU D 132 7.16 -3.35 19.40
N SER D 133 7.84 -2.31 18.93
CA SER D 133 7.16 -1.09 18.52
C SER D 133 6.41 -1.28 17.21
N ASP D 134 6.91 -2.08 16.28
CA ASP D 134 6.13 -2.38 15.08
C ASP D 134 4.76 -2.91 15.48
N TYR D 135 4.75 -3.86 16.38
CA TYR D 135 3.50 -4.43 16.85
C TYR D 135 2.70 -3.54 17.81
N ASN D 136 3.14 -2.31 18.08
CA ASN D 136 2.50 -1.42 19.07
C ASN D 136 2.24 -2.15 20.38
N ILE D 137 3.23 -2.88 20.82
CA ILE D 137 3.11 -3.61 22.07
C ILE D 137 3.62 -2.73 23.19
N GLN D 138 2.75 -2.40 24.12
CA GLN D 138 3.10 -1.46 25.17
C GLN D 138 3.78 -2.18 26.33
N LYS D 139 4.41 -1.40 27.20
CA LYS D 139 5.02 -1.96 28.40
C LYS D 139 3.99 -2.68 29.25
N GLU D 140 4.47 -3.67 29.99
CA GLU D 140 3.65 -4.52 30.86
C GLU D 140 2.65 -5.39 30.09
N SER D 141 2.88 -5.64 28.80
CA SER D 141 2.03 -6.55 28.06
C SER D 141 2.47 -8.01 28.24
N THR D 142 1.50 -8.91 28.20
CA THR D 142 1.75 -10.33 28.29
C THR D 142 1.89 -10.92 26.89
N LEU D 143 3.02 -11.55 26.63
CA LEU D 143 3.27 -12.38 25.46
C LEU D 143 3.15 -13.83 25.85
N HIS D 144 2.62 -14.65 24.95
CA HIS D 144 2.41 -16.06 25.21
C HIS D 144 3.47 -16.90 24.49
N LEU D 145 4.08 -17.81 25.22
CA LEU D 145 5.20 -18.60 24.72
C LEU D 145 4.75 -20.03 24.52
N VAL D 146 4.68 -20.45 23.25
CA VAL D 146 4.39 -21.82 22.90
C VAL D 146 5.66 -22.44 22.34
N LEU D 147 6.08 -23.53 22.96
CA LEU D 147 7.30 -24.20 22.57
C LEU D 147 7.04 -25.12 21.39
N ARG D 148 8.11 -25.40 20.63
CA ARG D 148 8.02 -26.26 19.45
C ARG D 148 9.31 -27.08 19.36
N LEU D 149 9.21 -28.25 18.74
CA LEU D 149 10.42 -28.94 18.36
C LEU D 149 10.94 -28.38 17.04
N ARG D 150 12.24 -28.13 17.00
CA ARG D 150 12.93 -27.89 15.74
C ARG D 150 12.84 -29.14 14.89
N GLY D 151 12.61 -28.96 13.59
CA GLY D 151 12.67 -30.06 12.64
C GLY D 151 14.07 -30.58 12.43
N GLY D 152 14.13 -31.76 11.79
CA GLY D 152 15.36 -32.54 11.72
C GLY D 152 16.42 -31.97 10.80
N MET D 153 16.08 -30.97 10.01
CA MET D 153 16.85 -30.55 8.85
C MET D 153 16.27 -29.22 8.37
N GLN D 154 17.15 -28.33 7.91
CA GLN D 154 16.78 -27.10 7.21
C GLN D 154 17.20 -27.21 5.75
N ILE D 155 16.33 -26.77 4.84
CA ILE D 155 16.71 -26.57 3.44
C ILE D 155 16.20 -25.24 2.95
N PHE D 156 16.88 -24.70 1.94
CA PHE D 156 16.60 -23.38 1.40
C PHE D 156 16.00 -23.53 0.01
N VAL D 157 15.07 -22.64 -0.31
CA VAL D 157 14.43 -22.59 -1.60
C VAL D 157 14.59 -21.18 -2.14
N LYS D 158 15.20 -21.05 -3.32
CA LYS D 158 15.47 -19.77 -3.98
C LYS D 158 14.54 -19.59 -5.18
N THR D 159 14.11 -18.35 -5.45
CA THR D 159 13.25 -18.05 -6.59
C THR D 159 13.94 -17.13 -7.59
N LEU D 160 13.32 -17.04 -8.78
CA LEU D 160 13.70 -16.02 -9.74
C LEU D 160 13.49 -14.62 -9.16
N THR D 161 12.41 -14.43 -8.38
CA THR D 161 12.22 -13.22 -7.57
C THR D 161 13.49 -12.84 -6.79
N GLY D 162 14.34 -13.82 -6.47
CA GLY D 162 15.53 -13.61 -5.67
C GLY D 162 15.36 -13.94 -4.20
N LYS D 163 14.11 -14.15 -3.77
CA LYS D 163 13.76 -14.36 -2.36
C LYS D 163 14.04 -15.80 -1.93
N THR D 164 14.46 -15.99 -0.67
CA THR D 164 15.01 -17.28 -0.21
C THR D 164 14.26 -17.80 1.02
N ILE D 165 13.41 -18.79 0.81
CA ILE D 165 12.61 -19.40 1.87
C ILE D 165 13.47 -20.38 2.66
N THR D 166 13.33 -20.37 3.99
CA THR D 166 13.86 -21.43 4.84
C THR D 166 12.74 -22.36 5.29
N LEU D 167 12.95 -23.66 5.10
CA LEU D 167 12.00 -24.69 5.49
C LEU D 167 12.64 -25.60 6.52
N GLU D 168 11.80 -26.29 7.27
CA GLU D 168 12.24 -27.37 8.15
C GLU D 168 11.53 -28.63 7.69
N VAL D 169 12.27 -29.73 7.62
CA VAL D 169 11.86 -30.91 6.88
C VAL D 169 12.44 -32.14 7.55
N GLU D 170 11.84 -33.28 7.28
CA GLU D 170 12.47 -34.54 7.62
C GLU D 170 13.16 -35.12 6.39
N PRO D 171 14.24 -35.92 6.55
CA PRO D 171 14.86 -36.53 5.36
C PRO D 171 13.90 -37.31 4.48
N SER D 172 12.95 -38.03 5.08
CA SER D 172 12.02 -38.88 4.36
C SER D 172 10.76 -38.15 3.93
N ASP D 173 10.73 -36.83 3.95
CA ASP D 173 9.55 -36.11 3.49
C ASP D 173 9.50 -36.11 1.98
N THR D 174 8.31 -36.20 1.44
CA THR D 174 8.14 -36.25 0.00
C THR D 174 8.22 -34.83 -0.56
N ILE D 175 8.48 -34.75 -1.87
CA ILE D 175 8.45 -33.46 -2.55
C ILE D 175 7.07 -32.83 -2.40
N GLU D 176 6.02 -33.64 -2.51
CA GLU D 176 4.67 -33.22 -2.18
C GLU D 176 4.67 -32.46 -0.86
N ASN D 177 5.18 -33.11 0.19
CA ASN D 177 5.21 -32.48 1.50
C ASN D 177 5.91 -31.14 1.44
N VAL D 178 7.00 -31.05 0.68
CA VAL D 178 7.76 -29.81 0.68
C VAL D 178 6.94 -28.68 0.07
N LYS D 179 6.25 -28.98 -1.02
CA LYS D 179 5.34 -28.02 -1.64
C LYS D 179 4.30 -27.47 -0.66
N ALA D 180 3.60 -28.37 0.04
CA ALA D 180 2.67 -27.97 1.10
C ALA D 180 3.31 -26.98 2.07
N LYS D 181 4.54 -27.24 2.47
CA LYS D 181 5.24 -26.33 3.38
C LYS D 181 5.49 -25.00 2.72
N ILE D 182 5.61 -24.98 1.40
CA ILE D 182 5.75 -23.72 0.66
C ILE D 182 4.40 -23.04 0.49
N GLN D 183 3.36 -23.80 0.15
CA GLN D 183 2.01 -23.26 0.23
C GLN D 183 1.77 -22.62 1.60
N ASP D 184 2.25 -23.28 2.67
CA ASP D 184 2.04 -22.77 4.03
C ASP D 184 2.73 -21.43 4.22
N LYS D 185 3.97 -21.31 3.75
CA LYS D 185 4.70 -20.08 4.02
C LYS D 185 4.41 -18.99 3.00
N GLU D 186 4.00 -19.37 1.78
CA GLU D 186 4.04 -18.45 0.64
C GLU D 186 2.73 -18.28 -0.11
N GLY D 187 1.76 -19.15 0.08
CA GLY D 187 0.48 -19.02 -0.58
C GLY D 187 0.41 -19.71 -1.92
N ILE D 188 1.54 -19.95 -2.54
CA ILE D 188 1.65 -20.62 -3.84
C ILE D 188 1.07 -22.01 -3.76
N PRO D 189 0.03 -22.34 -4.52
CA PRO D 189 -0.50 -23.70 -4.48
C PRO D 189 0.53 -24.69 -5.00
N PRO D 190 0.50 -25.93 -4.52
CA PRO D 190 1.50 -26.93 -4.97
C PRO D 190 1.45 -27.29 -6.44
N ASP D 191 0.27 -27.37 -7.07
CA ASP D 191 0.25 -27.66 -8.50
C ASP D 191 0.82 -26.52 -9.35
N GLN D 192 1.21 -25.41 -8.75
CA GLN D 192 1.90 -24.35 -9.48
C GLN D 192 3.38 -24.33 -9.25
N GLN D 193 3.90 -25.20 -8.37
CA GLN D 193 5.32 -25.25 -8.06
C GLN D 193 5.99 -26.28 -8.95
N ARG D 194 7.23 -26.01 -9.30
CA ARG D 194 8.12 -27.06 -9.79
C ARG D 194 9.50 -26.85 -9.13
N LEU D 195 10.04 -27.92 -8.58
CA LEU D 195 11.24 -27.85 -7.78
C LEU D 195 12.43 -28.48 -8.50
N ILE D 196 13.57 -27.81 -8.44
CA ILE D 196 14.77 -28.25 -9.13
C ILE D 196 15.91 -28.36 -8.14
N PHE D 197 16.56 -29.51 -8.13
CA PHE D 197 17.77 -29.71 -7.36
C PHE D 197 18.82 -30.32 -8.26
N ALA D 198 19.98 -29.67 -8.34
CA ALA D 198 21.12 -30.24 -9.06
C ALA D 198 20.78 -30.49 -10.51
N GLY D 199 20.11 -29.52 -11.14
CA GLY D 199 19.64 -29.67 -12.51
C GLY D 199 18.29 -30.34 -12.67
N LYS D 200 17.90 -31.24 -11.76
CA LYS D 200 16.80 -32.17 -11.98
C LYS D 200 15.46 -31.62 -11.50
N GLN D 201 14.40 -31.89 -12.26
CA GLN D 201 13.04 -31.59 -11.85
C GLN D 201 12.62 -32.70 -10.89
N LEU D 202 12.30 -32.34 -9.64
CA LEU D 202 12.00 -33.35 -8.63
C LEU D 202 10.52 -33.74 -8.68
N GLU D 203 10.26 -35.03 -8.42
CA GLU D 203 8.96 -35.64 -8.59
C GLU D 203 8.21 -35.82 -7.27
N ASP D 204 6.89 -35.70 -7.34
CA ASP D 204 6.11 -35.45 -6.14
C ASP D 204 6.14 -36.59 -5.13
N GLY D 205 6.36 -37.83 -5.58
CA GLY D 205 6.29 -39.00 -4.72
C GLY D 205 7.62 -39.49 -4.24
N ARG D 206 8.70 -38.80 -4.59
CA ARG D 206 10.04 -39.11 -4.17
C ARG D 206 10.42 -38.30 -2.92
N THR D 207 11.29 -38.90 -2.10
CA THR D 207 11.75 -38.22 -0.89
C THR D 207 12.95 -37.34 -1.19
N LEU D 208 13.27 -36.47 -0.23
CA LEU D 208 14.49 -35.70 -0.30
C LEU D 208 15.71 -36.60 -0.37
N SER D 209 15.65 -37.74 0.32
CA SER D 209 16.78 -38.63 0.36
C SER D 209 17.00 -39.31 -0.98
N ASP D 210 15.92 -39.77 -1.62
CA ASP D 210 16.02 -40.33 -2.96
C ASP D 210 16.83 -39.45 -3.89
N TYR D 211 16.92 -38.16 -3.61
CA TYR D 211 17.71 -37.23 -4.39
C TYR D 211 18.97 -36.75 -3.68
N ASN D 212 19.42 -37.47 -2.64
CA ASN D 212 20.59 -37.06 -1.87
C ASN D 212 20.52 -35.58 -1.50
N ILE D 213 19.36 -35.15 -1.01
CA ILE D 213 19.20 -33.78 -0.53
C ILE D 213 19.49 -33.75 0.98
N GLN D 214 20.59 -33.10 1.33
CA GLN D 214 21.13 -33.10 2.67
C GLN D 214 20.77 -31.80 3.37
N LYS D 215 21.01 -31.79 4.68
CA LYS D 215 20.92 -30.58 5.48
C LYS D 215 21.52 -29.39 4.74
N GLU D 216 20.79 -28.29 4.74
CA GLU D 216 21.26 -27.02 4.22
C GLU D 216 21.40 -27.00 2.69
N SER D 217 21.01 -28.08 1.99
CA SER D 217 20.91 -28.04 0.53
C SER D 217 19.98 -26.92 0.08
N THR D 218 20.21 -26.45 -1.13
CA THR D 218 19.43 -25.36 -1.70
C THR D 218 18.61 -25.91 -2.86
N LEU D 219 17.35 -25.53 -2.91
CA LEU D 219 16.46 -25.97 -3.97
C LEU D 219 16.01 -24.75 -4.76
N HIS D 220 15.83 -24.93 -6.05
CA HIS D 220 15.32 -23.87 -6.91
C HIS D 220 13.84 -24.14 -7.16
N LEU D 221 13.05 -23.07 -7.14
CA LEU D 221 11.60 -23.14 -7.37
C LEU D 221 11.21 -22.23 -8.52
N VAL D 222 10.51 -22.77 -9.51
CA VAL D 222 9.91 -21.93 -10.53
C VAL D 222 8.41 -22.12 -10.50
N LEU D 223 7.69 -21.06 -10.79
CA LEU D 223 6.23 -21.07 -10.83
C LEU D 223 5.73 -21.22 -12.26
N ARG D 224 4.75 -22.08 -12.42
CA ARG D 224 4.03 -22.25 -13.66
C ARG D 224 3.11 -21.05 -13.89
N LEU D 225 2.73 -20.86 -15.16
CA LEU D 225 1.70 -19.89 -15.49
C LEU D 225 0.29 -20.41 -15.21
N ARG D 226 0.12 -21.71 -15.00
CA ARG D 226 -1.18 -22.31 -14.80
C ARG D 226 -1.00 -23.48 -13.87
N GLY D 227 -2.03 -23.78 -13.09
CA GLY D 227 -2.18 -25.02 -12.38
C GLY D 227 -3.22 -25.93 -13.04
N GLY D 228 -3.72 -26.87 -12.25
CA GLY D 228 -4.61 -27.88 -12.79
C GLY D 228 -6.03 -27.46 -13.14
N MET D 229 -6.66 -26.66 -12.29
CA MET D 229 -8.06 -26.28 -12.45
C MET D 229 -8.21 -24.80 -12.77
N GLN D 230 -8.91 -24.53 -13.87
CA GLN D 230 -9.37 -23.21 -14.23
C GLN D 230 -10.90 -23.19 -14.33
N ILE D 231 -11.45 -22.03 -14.04
CA ILE D 231 -12.85 -21.71 -14.31
C ILE D 231 -12.87 -20.38 -15.04
N PHE D 232 -13.99 -20.12 -15.71
CA PHE D 232 -14.18 -18.88 -16.42
C PHE D 232 -15.20 -18.02 -15.69
N VAL D 233 -14.94 -16.74 -15.59
CA VAL D 233 -15.93 -15.77 -15.11
C VAL D 233 -16.34 -14.85 -16.28
N LYS D 234 -17.64 -14.75 -16.57
CA LYS D 234 -18.11 -13.83 -17.60
C LYS D 234 -18.45 -12.48 -17.00
N THR D 235 -18.15 -11.43 -17.74
CA THR D 235 -18.26 -10.08 -17.23
C THR D 235 -19.19 -9.28 -18.12
N LEU D 236 -19.85 -8.26 -17.56
CA LEU D 236 -20.74 -7.41 -18.34
C LEU D 236 -20.07 -6.76 -19.54
N THR D 237 -18.73 -6.75 -19.63
CA THR D 237 -18.05 -6.19 -20.80
C THR D 237 -18.11 -7.12 -22.00
N GLY D 238 -18.60 -8.33 -21.84
CA GLY D 238 -18.53 -9.33 -22.89
C GLY D 238 -17.41 -10.32 -22.66
N LYS D 239 -16.29 -9.84 -22.13
CA LYS D 239 -15.07 -10.61 -22.10
C LYS D 239 -15.18 -11.75 -21.08
N THR D 240 -14.05 -12.38 -20.81
CA THR D 240 -14.03 -13.61 -20.05
C THR D 240 -12.73 -13.63 -19.28
N ILE D 241 -12.81 -13.93 -17.98
CA ILE D 241 -11.63 -14.08 -17.13
C ILE D 241 -11.42 -15.55 -16.85
N THR D 242 -10.20 -16.02 -17.00
CA THR D 242 -9.84 -17.38 -16.59
C THR D 242 -9.15 -17.32 -15.25
N LEU D 243 -9.67 -18.06 -14.28
CA LEU D 243 -9.08 -18.05 -12.96
C LEU D 243 -8.34 -19.35 -12.71
N GLU D 244 -7.12 -19.23 -12.17
CA GLU D 244 -6.45 -20.37 -11.57
C GLU D 244 -7.01 -20.58 -10.18
N VAL D 245 -7.64 -21.74 -9.94
CA VAL D 245 -8.26 -22.02 -8.65
C VAL D 245 -7.98 -23.47 -8.25
N GLU D 246 -8.25 -23.76 -6.96
CA GLU D 246 -8.30 -25.07 -6.34
C GLU D 246 -9.70 -25.31 -5.78
N PRO D 247 -10.21 -26.57 -5.84
CA PRO D 247 -11.53 -26.89 -5.28
C PRO D 247 -11.79 -26.42 -3.85
N SER D 248 -10.73 -26.20 -3.08
CA SER D 248 -10.83 -25.82 -1.68
C SER D 248 -10.76 -24.32 -1.49
N ASP D 249 -10.73 -23.56 -2.57
CA ASP D 249 -10.81 -22.10 -2.44
C ASP D 249 -12.18 -21.65 -1.96
N THR D 250 -12.19 -20.58 -1.19
CA THR D 250 -13.46 -19.98 -0.82
C THR D 250 -13.84 -18.98 -1.88
N ILE D 251 -15.15 -18.71 -1.95
CA ILE D 251 -15.66 -17.68 -2.84
C ILE D 251 -15.00 -16.35 -2.51
N GLU D 252 -14.73 -16.12 -1.22
CA GLU D 252 -13.94 -14.98 -0.76
C GLU D 252 -12.61 -14.88 -1.53
N ASN D 253 -11.78 -15.93 -1.48
CA ASN D 253 -10.55 -15.92 -2.27
C ASN D 253 -10.84 -15.59 -3.73
N VAL D 254 -11.75 -16.34 -4.34
CA VAL D 254 -12.05 -16.17 -5.76
C VAL D 254 -12.35 -14.70 -6.09
N LYS D 255 -13.13 -14.03 -5.26
CA LYS D 255 -13.32 -12.60 -5.48
C LYS D 255 -11.99 -11.83 -5.41
N ALA D 256 -11.08 -12.23 -4.51
CA ALA D 256 -9.79 -11.55 -4.45
C ALA D 256 -8.95 -11.82 -5.69
N LYS D 257 -9.07 -13.02 -6.25
CA LYS D 257 -8.42 -13.27 -7.53
C LYS D 257 -9.01 -12.39 -8.64
N ILE D 258 -10.33 -12.25 -8.68
CA ILE D 258 -10.96 -11.32 -9.64
C ILE D 258 -10.45 -9.90 -9.40
N GLN D 259 -10.24 -9.51 -8.15
CA GLN D 259 -9.66 -8.19 -7.88
C GLN D 259 -8.24 -8.09 -8.39
N ASP D 260 -7.49 -9.21 -8.36
CA ASP D 260 -6.10 -9.20 -8.80
C ASP D 260 -5.99 -9.11 -10.32
N LYS D 261 -6.97 -9.65 -11.05
CA LYS D 261 -6.87 -9.58 -12.51
C LYS D 261 -7.50 -8.31 -13.03
N GLU D 262 -8.69 -7.95 -12.54
CA GLU D 262 -9.44 -6.82 -13.08
C GLU D 262 -9.41 -5.57 -12.19
N GLY D 263 -8.88 -5.66 -10.97
CA GLY D 263 -8.94 -4.50 -10.10
C GLY D 263 -10.31 -4.13 -9.59
N ILE D 264 -11.29 -5.02 -9.70
CA ILE D 264 -12.62 -4.81 -9.12
C ILE D 264 -12.54 -5.06 -7.62
N PRO D 265 -13.03 -4.16 -6.78
CA PRO D 265 -13.07 -4.45 -5.34
C PRO D 265 -14.07 -5.56 -5.01
N PRO D 266 -13.74 -6.42 -4.04
CA PRO D 266 -14.59 -7.59 -3.77
C PRO D 266 -15.92 -7.25 -3.13
N ASP D 267 -16.04 -6.13 -2.43
CA ASP D 267 -17.31 -5.69 -1.86
C ASP D 267 -18.30 -5.24 -2.93
N GLN D 268 -17.87 -5.10 -4.16
CA GLN D 268 -18.75 -4.73 -5.26
C GLN D 268 -19.25 -5.94 -6.04
N GLN D 269 -18.76 -7.14 -5.74
CA GLN D 269 -18.83 -8.31 -6.60
C GLN D 269 -19.90 -9.29 -6.14
N ARG D 270 -20.85 -9.59 -7.00
CA ARG D 270 -21.82 -10.64 -6.76
C ARG D 270 -21.56 -11.73 -7.79
N LEU D 271 -21.11 -12.91 -7.33
CA LEU D 271 -20.96 -14.01 -8.25
C LEU D 271 -22.20 -14.91 -8.24
N ILE D 272 -22.40 -15.63 -9.34
CA ILE D 272 -23.53 -16.53 -9.53
C ILE D 272 -23.07 -17.83 -10.18
N PHE D 273 -23.73 -18.92 -9.82
CA PHE D 273 -23.51 -20.20 -10.47
C PHE D 273 -24.75 -21.04 -10.26
N ALA D 274 -25.11 -21.80 -11.30
CA ALA D 274 -26.28 -22.68 -11.25
C ALA D 274 -27.49 -21.99 -10.62
N GLY D 275 -27.69 -20.70 -10.94
CA GLY D 275 -28.90 -20.02 -10.53
C GLY D 275 -28.87 -19.26 -9.21
N LYS D 276 -27.81 -19.39 -8.39
CA LYS D 276 -27.82 -18.91 -7.01
C LYS D 276 -26.65 -17.96 -6.69
N GLN D 277 -26.88 -17.03 -5.77
CA GLN D 277 -25.81 -16.13 -5.35
C GLN D 277 -24.89 -16.83 -4.38
N LEU D 278 -23.60 -16.69 -4.63
CA LEU D 278 -22.59 -17.49 -3.97
C LEU D 278 -22.09 -16.78 -2.72
N GLU D 279 -22.03 -17.51 -1.60
CA GLU D 279 -21.69 -16.95 -0.30
C GLU D 279 -20.19 -16.91 -0.09
N ASP D 280 -19.72 -15.85 0.59
CA ASP D 280 -18.28 -15.61 0.69
C ASP D 280 -17.52 -16.75 1.36
N GLY D 281 -18.11 -17.43 2.34
CA GLY D 281 -17.42 -18.43 3.12
C GLY D 281 -17.39 -19.85 2.58
N ARG D 282 -18.31 -20.22 1.69
CA ARG D 282 -18.33 -21.58 1.19
C ARG D 282 -17.25 -21.76 0.11
N THR D 283 -16.95 -23.01 -0.24
CA THR D 283 -15.95 -23.30 -1.26
C THR D 283 -16.59 -23.60 -2.62
N LEU D 284 -15.73 -23.65 -3.65
CA LEU D 284 -16.15 -24.15 -4.98
C LEU D 284 -16.60 -25.59 -4.90
N SER D 285 -15.98 -26.39 -4.05
CA SER D 285 -16.40 -27.78 -3.98
C SER D 285 -17.78 -27.84 -3.38
N ASP D 286 -18.08 -26.93 -2.45
CA ASP D 286 -19.39 -26.88 -1.79
C ASP D 286 -20.53 -26.61 -2.77
N TYR D 287 -20.24 -25.83 -3.82
CA TYR D 287 -21.17 -25.53 -4.89
C TYR D 287 -21.00 -26.47 -6.09
N ASN D 288 -20.13 -27.46 -6.00
CA ASN D 288 -19.89 -28.41 -7.09
C ASN D 288 -19.50 -27.70 -8.38
N ILE D 289 -18.65 -26.68 -8.24
CA ILE D 289 -18.01 -25.99 -9.36
C ILE D 289 -16.80 -26.80 -9.80
N GLN D 290 -16.68 -27.04 -11.11
CA GLN D 290 -15.78 -28.02 -11.74
C GLN D 290 -14.75 -27.35 -12.65
N LYS D 291 -13.86 -28.18 -13.22
CA LYS D 291 -12.91 -27.69 -14.22
C LYS D 291 -13.65 -27.17 -15.43
N GLU D 292 -13.37 -25.92 -15.79
CA GLU D 292 -13.96 -25.24 -16.94
C GLU D 292 -15.42 -24.82 -16.68
N SER D 293 -15.85 -24.84 -15.42
CA SER D 293 -17.13 -24.27 -14.99
C SER D 293 -17.21 -22.75 -15.26
N THR D 294 -18.44 -22.25 -15.40
CA THR D 294 -18.65 -20.86 -15.79
C THR D 294 -19.47 -20.11 -14.75
N LEU D 295 -18.91 -19.03 -14.23
CA LEU D 295 -19.61 -18.16 -13.29
C LEU D 295 -20.01 -16.85 -13.99
N HIS D 296 -20.89 -16.09 -13.33
CA HIS D 296 -21.32 -14.79 -13.84
C HIS D 296 -21.10 -13.71 -12.78
N LEU D 297 -20.52 -12.61 -13.21
CA LEU D 297 -20.15 -11.52 -12.31
C LEU D 297 -21.01 -10.29 -12.62
N VAL D 298 -21.92 -9.95 -11.71
CA VAL D 298 -22.69 -8.72 -11.77
C VAL D 298 -22.13 -7.80 -10.67
N LEU D 299 -21.31 -6.82 -11.07
CA LEU D 299 -20.67 -5.99 -10.06
C LEU D 299 -21.61 -4.90 -9.56
N ARG D 300 -22.86 -5.27 -9.24
CA ARG D 300 -23.93 -4.28 -9.04
C ARG D 300 -24.14 -3.47 -10.35
N LYS E 45 38.30 -17.74 -16.05
CA LYS E 45 37.19 -16.79 -16.03
C LYS E 45 36.06 -17.22 -16.96
N GLN E 46 34.83 -16.94 -16.54
CA GLN E 46 33.63 -17.60 -17.06
C GLN E 46 32.58 -16.60 -17.56
N GLU E 47 33.00 -15.52 -18.20
CA GLU E 47 32.03 -14.60 -18.77
C GLU E 47 31.42 -15.11 -20.07
N GLU E 48 32.03 -16.13 -20.68
CA GLU E 48 31.57 -16.62 -21.98
C GLU E 48 30.17 -17.19 -21.93
N ASP E 49 29.72 -17.62 -20.75
CA ASP E 49 28.42 -18.26 -20.62
C ASP E 49 27.31 -17.31 -20.18
N LEU E 50 27.66 -16.19 -19.56
CA LEU E 50 26.68 -15.15 -19.25
C LEU E 50 26.19 -14.38 -20.48
N GLU E 51 26.80 -14.59 -21.66
CA GLU E 51 26.26 -14.02 -22.88
C GLU E 51 24.96 -14.71 -23.28
N THR E 52 24.92 -16.03 -23.11
CA THR E 52 23.74 -16.83 -23.40
C THR E 52 22.57 -16.53 -22.48
N MET E 53 22.84 -15.97 -21.29
CA MET E 53 21.76 -15.60 -20.40
C MET E 53 20.84 -14.56 -21.04
N THR E 54 21.39 -13.62 -21.80
CA THR E 54 20.58 -12.59 -22.42
C THR E 54 19.48 -13.21 -23.27
N ILE E 55 19.78 -14.33 -23.92
CA ILE E 55 18.85 -14.92 -24.87
C ILE E 55 17.79 -15.74 -24.15
N LEU E 56 18.19 -16.40 -23.06
CA LEU E 56 17.21 -17.16 -22.29
C LEU E 56 16.07 -16.26 -21.84
N ARG E 57 16.39 -15.17 -21.15
CA ARG E 57 15.34 -14.25 -20.73
C ARG E 57 14.44 -13.88 -21.92
N ALA E 58 15.02 -13.74 -23.11
CA ALA E 58 14.23 -13.45 -24.31
C ALA E 58 13.30 -14.61 -24.66
N GLN E 59 13.86 -15.82 -24.76
CA GLN E 59 13.07 -16.99 -25.15
C GLN E 59 12.00 -17.29 -24.11
N MET E 60 12.35 -17.18 -22.82
CA MET E 60 11.38 -17.48 -21.78
C MET E 60 10.18 -16.53 -21.85
N GLU E 61 10.44 -15.23 -22.05
CA GLU E 61 9.35 -14.29 -22.20
C GLU E 61 8.45 -14.66 -23.38
N VAL E 62 9.04 -15.12 -24.49
CA VAL E 62 8.25 -15.44 -25.67
C VAL E 62 7.30 -16.60 -25.40
N TYR E 63 7.80 -17.68 -24.79
CA TYR E 63 6.90 -18.76 -24.43
C TYR E 63 5.82 -18.24 -23.50
N CYS E 64 6.20 -17.37 -22.58
CA CYS E 64 5.21 -16.80 -21.70
C CYS E 64 4.15 -16.02 -22.48
N SER E 65 4.57 -15.13 -23.38
CA SER E 65 3.65 -14.51 -24.30
C SER E 65 2.85 -15.53 -25.11
N ASP E 66 3.50 -16.62 -25.51
CA ASP E 66 2.79 -17.62 -26.31
C ASP E 66 1.62 -18.20 -25.55
N PHE E 67 1.88 -18.58 -24.30
CA PHE E 67 0.87 -19.21 -23.44
C PHE E 67 -0.36 -18.33 -23.30
N HIS E 68 -0.14 -17.03 -23.14
CA HIS E 68 -1.27 -16.13 -22.96
C HIS E 68 -2.15 -16.05 -24.20
N ALA E 69 -1.54 -15.96 -25.38
CA ALA E 69 -2.32 -16.03 -26.60
C ALA E 69 -3.05 -17.37 -26.71
N GLU E 70 -2.44 -18.45 -26.24
CA GLU E 70 -3.12 -19.74 -26.25
C GLU E 70 -4.25 -19.80 -25.27
N ARG E 71 -4.12 -19.10 -24.14
CA ARG E 71 -5.25 -19.04 -23.21
C ARG E 71 -6.41 -18.27 -23.83
N ALA E 72 -6.11 -17.15 -24.49
CA ALA E 72 -7.15 -16.41 -25.20
C ALA E 72 -7.82 -17.27 -26.26
N ALA E 73 -7.05 -18.10 -26.98
CA ALA E 73 -7.65 -19.00 -27.95
C ALA E 73 -8.64 -19.96 -27.30
N ARG E 74 -8.29 -20.44 -26.10
CA ARG E 74 -9.07 -21.40 -25.34
C ARG E 74 -10.28 -20.74 -24.72
N GLU E 75 -10.08 -19.54 -24.15
CA GLU E 75 -11.19 -18.71 -23.77
C GLU E 75 -12.21 -18.56 -24.91
N LYS E 76 -11.74 -18.23 -26.12
CA LYS E 76 -12.68 -17.88 -27.19
C LYS E 76 -13.42 -19.11 -27.69
N ILE E 77 -12.73 -20.24 -27.79
CA ILE E 77 -13.37 -21.42 -28.34
C ILE E 77 -14.33 -22.01 -27.32
N HIS E 78 -13.97 -21.94 -26.06
CA HIS E 78 -14.91 -22.29 -25.04
C HIS E 78 -16.24 -21.54 -25.23
N GLU E 79 -16.15 -20.22 -25.52
CA GLU E 79 -17.35 -19.40 -25.73
C GLU E 79 -18.15 -19.86 -26.94
N GLU E 80 -17.47 -20.03 -28.09
CA GLU E 80 -18.12 -20.61 -29.28
C GLU E 80 -18.84 -21.91 -28.95
N LYS E 81 -18.20 -22.78 -28.15
CA LYS E 81 -18.80 -24.07 -27.82
C LYS E 81 -20.09 -23.90 -27.01
N GLU E 82 -20.08 -22.99 -26.03
CA GLU E 82 -21.29 -22.69 -25.26
C GLU E 82 -22.39 -22.13 -26.15
N GLN E 83 -22.04 -21.34 -27.18
CA GLN E 83 -23.04 -20.84 -28.12
C GLN E 83 -23.71 -22.02 -28.83
N LEU E 84 -22.88 -22.95 -29.33
CA LEU E 84 -23.37 -24.15 -29.99
C LEU E 84 -24.23 -24.97 -29.05
N ALA E 85 -23.71 -25.29 -27.86
CA ALA E 85 -24.47 -26.05 -26.87
C ALA E 85 -25.91 -25.55 -26.74
N LEU E 86 -26.11 -24.23 -26.78
CA LEU E 86 -27.43 -23.68 -26.58
C LEU E 86 -28.27 -23.72 -27.86
N GLN E 87 -27.69 -23.35 -29.00
CA GLN E 87 -28.43 -23.47 -30.26
C GLN E 87 -28.91 -24.91 -30.47
N LEU E 88 -28.23 -25.90 -29.89
CA LEU E 88 -28.73 -27.27 -29.98
C LEU E 88 -29.81 -27.55 -28.93
N ALA E 89 -29.64 -27.04 -27.70
CA ALA E 89 -30.69 -27.17 -26.69
C ALA E 89 -32.01 -26.63 -27.21
N VAL E 90 -31.99 -25.40 -27.73
CA VAL E 90 -33.17 -24.83 -28.35
C VAL E 90 -33.79 -25.80 -29.34
N LEU E 91 -32.96 -26.30 -30.28
CA LEU E 91 -33.49 -27.11 -31.36
C LEU E 91 -34.10 -28.41 -30.86
N LEU E 92 -33.58 -28.94 -29.75
CA LEU E 92 -34.10 -30.18 -29.19
C LEU E 92 -35.46 -30.03 -28.52
N LYS E 93 -36.05 -28.84 -28.52
CA LYS E 93 -37.30 -28.59 -27.81
C LYS E 93 -38.44 -28.57 -28.83
N GLU E 94 -38.89 -29.78 -29.19
CA GLU E 94 -40.01 -29.99 -30.13
C GLU E 94 -41.03 -30.95 -29.53
N MET F 39 37.66 -6.00 -4.92
CA MET F 39 38.47 -6.75 -5.87
C MET F 39 37.67 -7.95 -6.42
N LYS F 40 37.63 -9.03 -5.63
CA LYS F 40 36.98 -10.29 -5.97
C LYS F 40 35.46 -10.23 -5.87
N GLN F 41 34.88 -9.10 -5.52
CA GLN F 41 33.42 -8.99 -5.62
C GLN F 41 33.00 -8.89 -7.08
N THR F 42 33.88 -8.40 -7.94
CA THR F 42 33.65 -8.46 -9.38
C THR F 42 33.33 -9.89 -9.81
N ILE F 43 34.04 -10.87 -9.25
CA ILE F 43 33.82 -12.28 -9.60
C ILE F 43 32.71 -12.90 -8.75
N ALA F 44 32.31 -12.25 -7.66
CA ALA F 44 31.26 -12.77 -6.78
C ALA F 44 29.93 -12.84 -7.50
N LYS F 45 29.39 -11.67 -7.89
CA LYS F 45 28.09 -11.58 -8.56
C LYS F 45 28.04 -12.46 -9.81
N GLN F 46 29.19 -12.88 -10.34
CA GLN F 46 29.20 -13.74 -11.51
C GLN F 46 28.46 -15.04 -11.26
N GLU F 47 28.63 -15.63 -10.07
CA GLU F 47 28.12 -16.96 -9.80
C GLU F 47 26.59 -16.99 -9.74
N GLU F 48 25.99 -16.09 -8.98
CA GLU F 48 24.53 -16.03 -8.91
C GLU F 48 23.93 -15.88 -10.30
N ASP F 49 24.51 -15.00 -11.11
CA ASP F 49 24.03 -14.83 -12.48
C ASP F 49 24.04 -16.15 -13.22
N LEU F 50 25.19 -16.81 -13.30
CA LEU F 50 25.21 -18.09 -13.99
C LEU F 50 24.52 -19.20 -13.20
N GLU F 51 24.19 -18.96 -11.94
CA GLU F 51 23.24 -19.85 -11.28
C GLU F 51 21.83 -19.60 -11.82
N THR F 52 21.31 -18.39 -11.63
CA THR F 52 19.97 -18.12 -12.10
C THR F 52 19.85 -18.16 -13.61
N MET F 53 20.97 -18.32 -14.33
CA MET F 53 20.86 -18.70 -15.73
C MET F 53 20.27 -20.10 -15.85
N THR F 54 20.54 -20.96 -14.87
CA THR F 54 20.02 -22.31 -14.91
C THR F 54 18.54 -22.34 -14.50
N ILE F 55 18.16 -21.51 -13.52
CA ILE F 55 16.75 -21.32 -13.18
C ILE F 55 15.98 -20.86 -14.42
N LEU F 56 16.52 -19.88 -15.14
CA LEU F 56 15.89 -19.40 -16.38
C LEU F 56 15.64 -20.54 -17.35
N ARG F 57 16.63 -21.43 -17.52
CA ARG F 57 16.45 -22.53 -18.47
C ARG F 57 15.28 -23.41 -18.09
N ALA F 58 15.01 -23.53 -16.78
CA ALA F 58 13.97 -24.40 -16.26
C ALA F 58 12.63 -23.69 -16.17
N GLN F 59 12.66 -22.44 -15.73
CA GLN F 59 11.50 -21.56 -15.83
C GLN F 59 10.93 -21.56 -17.25
N MET F 60 11.77 -21.73 -18.25
CA MET F 60 11.30 -21.80 -19.62
C MET F 60 10.86 -23.20 -20.05
N GLU F 61 11.41 -24.26 -19.47
CA GLU F 61 10.84 -25.58 -19.76
C GLU F 61 9.39 -25.65 -19.28
N VAL F 62 9.13 -25.09 -18.09
CA VAL F 62 7.80 -25.15 -17.51
C VAL F 62 6.85 -24.32 -18.34
N TYR F 63 7.28 -23.12 -18.73
CA TYR F 63 6.44 -22.28 -19.57
C TYR F 63 6.05 -23.02 -20.85
N CYS F 64 6.98 -23.79 -21.40
CA CYS F 64 6.69 -24.57 -22.59
C CYS F 64 5.54 -25.54 -22.34
N SER F 65 5.60 -26.30 -21.25
CA SER F 65 4.55 -27.28 -21.02
C SER F 65 3.25 -26.61 -20.58
N ASP F 66 3.34 -25.46 -19.91
CA ASP F 66 2.13 -24.70 -19.61
C ASP F 66 1.39 -24.37 -20.90
N PHE F 67 2.12 -23.96 -21.93
CA PHE F 67 1.53 -23.78 -23.24
C PHE F 67 0.90 -25.07 -23.77
N HIS F 68 1.60 -26.20 -23.64
CA HIS F 68 1.06 -27.44 -24.22
C HIS F 68 -0.14 -27.96 -23.44
N ALA F 69 -0.15 -27.78 -22.12
CA ALA F 69 -1.38 -28.04 -21.38
C ALA F 69 -2.54 -27.16 -21.87
N GLU F 70 -2.26 -25.90 -22.21
CA GLU F 70 -3.36 -25.03 -22.65
C GLU F 70 -3.81 -25.40 -24.05
N ARG F 71 -2.89 -25.75 -24.93
CA ARG F 71 -3.35 -26.15 -26.25
C ARG F 71 -4.19 -27.42 -26.16
N ALA F 72 -3.79 -28.35 -25.28
CA ALA F 72 -4.58 -29.56 -25.10
C ALA F 72 -6.01 -29.21 -24.65
N ALA F 73 -6.14 -28.31 -23.68
CA ALA F 73 -7.45 -27.98 -23.20
C ALA F 73 -8.26 -27.37 -24.31
N ARG F 74 -7.61 -26.62 -25.18
CA ARG F 74 -8.27 -26.07 -26.36
C ARG F 74 -8.67 -27.18 -27.33
N GLU F 75 -7.76 -28.07 -27.68
CA GLU F 75 -8.10 -29.23 -28.51
C GLU F 75 -9.29 -30.02 -27.96
N LYS F 76 -9.32 -30.27 -26.64
CA LYS F 76 -10.46 -30.98 -26.06
C LYS F 76 -11.76 -30.21 -26.25
N ILE F 77 -11.72 -28.88 -26.21
CA ILE F 77 -12.94 -28.10 -26.37
C ILE F 77 -13.40 -28.16 -27.81
N HIS F 78 -12.48 -27.97 -28.73
CA HIS F 78 -12.73 -28.20 -30.14
C HIS F 78 -13.39 -29.54 -30.38
N GLU F 79 -12.89 -30.61 -29.78
CA GLU F 79 -13.53 -31.90 -29.98
C GLU F 79 -14.98 -31.87 -29.47
N GLU F 80 -15.20 -31.38 -28.26
CA GLU F 80 -16.56 -31.16 -27.77
C GLU F 80 -17.38 -30.37 -28.78
N LYS F 81 -16.82 -29.29 -29.29
CA LYS F 81 -17.57 -28.43 -30.21
C LYS F 81 -17.91 -29.19 -31.49
N GLU F 82 -16.96 -29.96 -32.00
CA GLU F 82 -17.17 -30.78 -33.18
C GLU F 82 -18.27 -31.83 -32.97
N GLN F 83 -18.31 -32.49 -31.80
CA GLN F 83 -19.44 -33.37 -31.54
C GLN F 83 -20.76 -32.62 -31.61
N LEU F 84 -20.81 -31.42 -31.00
CA LEU F 84 -22.04 -30.65 -31.00
C LEU F 84 -22.44 -30.28 -32.42
N ALA F 85 -21.50 -29.84 -33.25
CA ALA F 85 -21.78 -29.52 -34.64
C ALA F 85 -22.38 -30.72 -35.38
N LEU F 86 -21.84 -31.90 -35.15
CA LEU F 86 -22.31 -33.10 -35.84
C LEU F 86 -23.75 -33.42 -35.45
N GLN F 87 -24.02 -33.55 -34.15
CA GLN F 87 -25.38 -33.72 -33.67
C GLN F 87 -26.33 -32.72 -34.31
N LEU F 88 -25.88 -31.48 -34.46
CA LEU F 88 -26.74 -30.43 -34.98
C LEU F 88 -26.99 -30.63 -36.45
N ALA F 89 -25.92 -30.90 -37.20
CA ALA F 89 -26.05 -31.17 -38.63
C ALA F 89 -26.97 -32.36 -38.88
N VAL F 90 -26.71 -33.47 -38.19
CA VAL F 90 -27.54 -34.66 -38.36
C VAL F 90 -29.00 -34.35 -38.05
N LEU F 91 -29.24 -33.60 -36.99
CA LEU F 91 -30.62 -33.33 -36.59
C LEU F 91 -31.35 -32.49 -37.62
N LEU F 92 -30.63 -31.64 -38.32
CA LEU F 92 -31.27 -30.80 -39.31
C LEU F 92 -31.50 -31.52 -40.63
N LYS F 93 -31.92 -32.77 -40.60
CA LYS F 93 -32.36 -33.41 -41.84
C LYS F 93 -33.78 -33.99 -41.66
N GLU F 94 -34.78 -33.58 -42.49
CA GLU F 94 -34.96 -32.34 -43.35
C GLU F 94 -34.53 -32.38 -44.81
N ASN F 95 -33.96 -33.47 -45.31
CA ASN F 95 -33.69 -33.56 -46.74
C ASN F 95 -34.63 -34.61 -47.36
N ASP F 96 -35.78 -34.12 -47.86
CA ASP F 96 -36.69 -34.81 -48.78
C ASP F 96 -35.89 -35.13 -50.04
N ALA F 97 -35.59 -36.40 -50.27
CA ALA F 97 -34.82 -36.84 -51.46
C ALA F 97 -33.33 -36.39 -51.50
#